data_3LG2
#
_entry.id   3LG2
#
_cell.length_a   83.302
_cell.length_b   83.385
_cell.length_c   104.685
_cell.angle_alpha   90.00
_cell.angle_beta   104.19
_cell.angle_gamma   90.00
#
_symmetry.space_group_name_H-M   'P 1 21 1'
#
loop_
_entity.id
_entity.type
_entity.pdbx_description
1 polymer 'Uncharacterized protein YKR043C'
2 non-polymer 'PHOSPHATE ION'
3 water water
#
_entity_poly.entity_id   1
_entity_poly.type   'polypeptide(L)'
_entity_poly.pdbx_seq_one_letter_code
;(MSE)GSSHHHHHHSSGRENLYFQG(MSE)PSLTPRCIIVRHGQTEWSKSGQYTGLTDLPLTPYGEGQ(MSE)LRTGESV
FRNNQFLNPDNITYIFTSPRLRARQTVDLVLKPLSDEQRAKIRVVVDDDLREWEYGDYEG(MSE)LTREIIELRKSRGLD
KERPWNIWRDGCENGETTQQIGLRLSRAIARIQNLHRKHQSEGRASDI(MSE)VFAHGHALRYFAAIWFGLGVQKKCETI
EEIQNVKSYDDDTVPYVKLESYRHLVDNPCFLLDAGGIGVLSYAHHNIDEPALELAGPFVSPPEEESQHGDV
;
_entity_poly.pdbx_strand_id   A,B,C,D
#
loop_
_chem_comp.id
_chem_comp.type
_chem_comp.name
_chem_comp.formula
PO4 non-polymer 'PHOSPHATE ION' 'O4 P -3'
#
# COMPACT_ATOMS: atom_id res chain seq x y z
N SER A 24 -6.81 -38.28 -1.79
CA SER A 24 -7.68 -37.05 -1.76
C SER A 24 -7.49 -36.20 -3.03
N LEU A 25 -8.57 -35.62 -3.55
CA LEU A 25 -8.55 -34.90 -4.85
C LEU A 25 -8.02 -33.46 -4.77
N THR A 26 -7.36 -33.01 -5.83
CA THR A 26 -6.84 -31.66 -5.80
C THR A 26 -8.03 -30.71 -5.82
N PRO A 27 -8.02 -29.71 -4.91
CA PRO A 27 -9.12 -28.75 -4.92
C PRO A 27 -9.15 -27.83 -6.18
N ARG A 28 -10.34 -27.34 -6.52
CA ARG A 28 -10.52 -26.50 -7.68
C ARG A 28 -11.40 -25.33 -7.34
N CYS A 29 -11.13 -24.22 -8.00
CA CYS A 29 -11.99 -23.06 -7.97
C CYS A 29 -12.48 -22.91 -9.38
N ILE A 30 -13.79 -23.04 -9.54
CA ILE A 30 -14.38 -23.23 -10.81
C ILE A 30 -15.17 -21.97 -11.08
N ILE A 31 -14.72 -21.18 -12.06
CA ILE A 31 -15.34 -19.87 -12.27
C ILE A 31 -16.30 -19.90 -13.47
N VAL A 32 -17.46 -19.26 -13.29
CA VAL A 32 -18.51 -19.35 -14.26
C VAL A 32 -19.06 -17.96 -14.49
N ARG A 33 -19.09 -17.52 -15.74
CA ARG A 33 -19.68 -16.23 -16.02
C ARG A 33 -21.24 -16.39 -16.07
N HIS A 34 -21.96 -15.41 -15.49
CA HIS A 34 -23.43 -15.44 -15.50
C HIS A 34 -23.99 -15.61 -16.93
N GLY A 35 -25.20 -16.14 -17.04
CA GLY A 35 -25.85 -16.23 -18.34
C GLY A 35 -26.09 -14.92 -19.08
N GLN A 36 -26.49 -15.02 -20.33
CA GLN A 36 -26.68 -13.84 -21.16
C GLN A 36 -27.70 -12.82 -20.58
N THR A 37 -27.32 -11.54 -20.60
CA THR A 37 -28.24 -10.46 -20.33
C THR A 37 -28.46 -9.66 -21.60
N GLU A 38 -29.50 -8.84 -21.62
CA GLU A 38 -29.75 -7.94 -22.75
C GLU A 38 -28.53 -7.05 -23.13
N TRP A 39 -27.94 -6.37 -22.14
CA TRP A 39 -26.70 -5.56 -22.33
C TRP A 39 -25.49 -6.40 -22.78
N SER A 40 -25.26 -7.57 -22.17
CA SER A 40 -24.06 -8.37 -22.51
C SER A 40 -24.09 -8.85 -23.96
N LYS A 41 -25.29 -9.23 -24.43
CA LYS A 41 -25.51 -9.68 -25.78
C LYS A 41 -25.18 -8.61 -26.83
N SER A 42 -25.27 -7.35 -26.42
CA SER A 42 -25.21 -6.23 -27.36
C SER A 42 -23.90 -5.49 -27.29
N GLY A 43 -22.98 -5.97 -26.45
CA GLY A 43 -21.63 -5.37 -26.31
C GLY A 43 -21.48 -4.29 -25.25
N GLN A 44 -22.54 -4.07 -24.48
CA GLN A 44 -22.56 -2.97 -23.53
C GLN A 44 -21.83 -3.37 -22.26
N TYR A 45 -21.14 -2.39 -21.64
CA TYR A 45 -20.56 -2.58 -20.33
C TYR A 45 -21.59 -2.60 -19.22
N THR A 46 -21.71 -3.76 -18.56
CA THR A 46 -22.67 -3.93 -17.51
C THR A 46 -21.92 -4.11 -16.20
N GLY A 47 -21.93 -3.07 -15.37
CA GLY A 47 -21.35 -3.16 -14.06
C GLY A 47 -22.38 -3.31 -12.94
N LEU A 48 -22.58 -2.25 -12.17
CA LEU A 48 -23.56 -2.29 -11.09
C LEU A 48 -25.04 -2.39 -11.56
N THR A 49 -25.32 -2.02 -12.82
CA THR A 49 -26.69 -2.16 -13.32
C THR A 49 -27.19 -3.58 -13.10
N ASP A 50 -28.34 -3.73 -12.48
CA ASP A 50 -28.69 -5.06 -12.06
C ASP A 50 -29.59 -5.84 -13.00
N LEU A 51 -29.16 -6.02 -14.24
CA LEU A 51 -29.97 -6.67 -15.26
C LEU A 51 -30.31 -8.12 -14.93
N PRO A 52 -31.48 -8.57 -15.38
CA PRO A 52 -31.76 -10.01 -15.36
C PRO A 52 -31.19 -10.75 -16.56
N LEU A 53 -31.05 -12.06 -16.44
CA LEU A 53 -30.85 -12.92 -17.60
C LEU A 53 -31.97 -12.73 -18.64
N THR A 54 -31.59 -12.71 -19.91
CA THR A 54 -32.58 -12.86 -20.97
C THR A 54 -33.13 -14.29 -20.92
N PRO A 55 -34.32 -14.51 -21.46
CA PRO A 55 -34.76 -15.91 -21.63
C PRO A 55 -33.70 -16.83 -22.26
N TYR A 56 -33.03 -16.38 -23.33
CA TYR A 56 -31.97 -17.21 -23.89
C TYR A 56 -30.87 -17.54 -22.85
N GLY A 57 -30.55 -16.55 -22.02
CA GLY A 57 -29.59 -16.74 -20.98
C GLY A 57 -29.98 -17.84 -20.01
N GLU A 58 -31.27 -17.88 -19.67
CA GLU A 58 -31.73 -18.86 -18.69
C GLU A 58 -31.53 -20.23 -19.22
N GLY A 59 -32.12 -20.46 -20.38
CA GLY A 59 -31.95 -21.73 -21.02
C GLY A 59 -30.48 -22.07 -21.11
N GLN A 60 -29.66 -21.05 -21.36
CA GLN A 60 -28.23 -21.24 -21.54
C GLN A 60 -27.61 -21.85 -20.27
N MSE A 61 -28.02 -21.35 -19.10
CA MSE A 61 -27.45 -21.83 -17.86
C MSE A 61 -28.14 -23.10 -17.33
O MSE A 61 -27.54 -23.90 -16.62
CB MSE A 61 -27.49 -20.73 -16.81
CG MSE A 61 -26.80 -19.42 -17.20
SE MSE A 61 -25.08 -19.63 -18.09
CE MSE A 61 -24.17 -20.80 -16.86
N LEU A 62 -29.42 -23.30 -17.67
CA LEU A 62 -30.07 -24.58 -17.37
C LEU A 62 -29.31 -25.71 -18.05
N ARG A 63 -29.06 -25.57 -19.35
CA ARG A 63 -28.31 -26.59 -20.10
C ARG A 63 -26.87 -26.73 -19.57
N THR A 64 -26.27 -25.65 -19.09
CA THR A 64 -24.93 -25.75 -18.58
C THR A 64 -24.90 -26.61 -17.34
N GLY A 65 -25.82 -26.32 -16.43
CA GLY A 65 -25.81 -27.02 -15.16
C GLY A 65 -25.91 -28.49 -15.45
N GLU A 66 -26.91 -28.85 -16.26
CA GLU A 66 -27.10 -30.20 -16.69
C GLU A 66 -25.82 -30.80 -17.25
N SER A 67 -25.14 -30.04 -18.09
CA SER A 67 -23.99 -30.61 -18.72
C SER A 67 -22.83 -30.77 -17.73
N VAL A 68 -22.69 -29.86 -16.77
CA VAL A 68 -21.57 -29.98 -15.81
C VAL A 68 -21.79 -31.02 -14.74
N PHE A 69 -23.04 -31.38 -14.47
CA PHE A 69 -23.29 -32.34 -13.41
C PHE A 69 -23.58 -33.72 -13.96
N ARG A 70 -23.81 -33.77 -15.27
CA ARG A 70 -23.99 -34.99 -16.00
C ARG A 70 -23.07 -36.11 -15.47
N ASN A 71 -23.67 -37.18 -14.96
CA ASN A 71 -22.95 -38.37 -14.48
C ASN A 71 -21.80 -38.16 -13.46
N ASN A 72 -21.71 -36.98 -12.82
CA ASN A 72 -20.71 -36.75 -11.75
C ASN A 72 -19.27 -36.73 -12.23
N GLN A 73 -19.04 -36.77 -13.54
CA GLN A 73 -17.65 -36.91 -14.00
C GLN A 73 -16.82 -35.61 -13.96
N PHE A 74 -17.43 -34.50 -14.33
CA PHE A 74 -16.76 -33.22 -14.24
C PHE A 74 -16.87 -32.65 -12.84
N LEU A 75 -18.09 -32.59 -12.33
CA LEU A 75 -18.34 -32.02 -11.01
C LEU A 75 -19.22 -32.94 -10.23
N ASN A 76 -18.71 -33.40 -9.10
CA ASN A 76 -19.52 -34.18 -8.20
C ASN A 76 -20.02 -33.31 -7.05
N PRO A 77 -21.36 -33.16 -6.92
CA PRO A 77 -21.95 -32.35 -5.85
C PRO A 77 -21.39 -32.70 -4.45
N ASP A 78 -20.99 -33.97 -4.24
CA ASP A 78 -20.37 -34.45 -3.00
C ASP A 78 -19.17 -33.61 -2.61
N ASN A 79 -18.42 -33.15 -3.61
CA ASN A 79 -17.12 -32.54 -3.44
C ASN A 79 -17.20 -31.04 -3.35
N ILE A 80 -18.38 -30.49 -3.59
CA ILE A 80 -18.55 -29.04 -3.55
C ILE A 80 -18.69 -28.60 -2.12
N THR A 81 -17.87 -27.66 -1.70
CA THR A 81 -17.99 -27.13 -0.36
C THR A 81 -18.65 -25.74 -0.43
N TYR A 82 -18.11 -24.86 -1.27
CA TYR A 82 -18.56 -23.47 -1.29
C TYR A 82 -18.90 -23.02 -2.67
N ILE A 83 -19.90 -22.16 -2.75
CA ILE A 83 -20.26 -21.46 -3.97
C ILE A 83 -20.30 -20.01 -3.62
N PHE A 84 -19.42 -19.23 -4.24
CA PHE A 84 -19.43 -17.79 -4.06
C PHE A 84 -20.10 -17.16 -5.25
N THR A 85 -20.83 -16.10 -4.98
CA THR A 85 -21.47 -15.33 -6.05
C THR A 85 -21.39 -13.82 -5.81
N SER A 86 -21.15 -13.11 -6.90
CA SER A 86 -21.34 -11.67 -6.95
C SER A 86 -22.78 -11.37 -6.50
N PRO A 87 -23.00 -10.18 -5.90
CA PRO A 87 -24.36 -9.83 -5.52
C PRO A 87 -25.32 -9.58 -6.70
N ARG A 88 -24.81 -9.30 -7.89
CA ARG A 88 -25.69 -9.08 -9.03
C ARG A 88 -26.78 -10.14 -9.25
N LEU A 89 -27.96 -9.67 -9.64
CA LEU A 89 -29.06 -10.57 -9.98
C LEU A 89 -28.66 -11.65 -10.99
N ARG A 90 -28.08 -11.23 -12.12
CA ARG A 90 -27.65 -12.14 -13.16
C ARG A 90 -26.77 -13.33 -12.68
N ALA A 91 -25.91 -13.05 -11.71
CA ALA A 91 -25.02 -14.05 -11.21
C ALA A 91 -25.83 -14.96 -10.32
N ARG A 92 -26.67 -14.39 -9.45
CA ARG A 92 -27.48 -15.21 -8.56
C ARG A 92 -28.41 -16.10 -9.35
N GLN A 93 -29.10 -15.53 -10.34
CA GLN A 93 -29.98 -16.31 -11.20
C GLN A 93 -29.23 -17.52 -11.73
N THR A 94 -28.02 -17.30 -12.22
CA THR A 94 -27.21 -18.38 -12.77
C THR A 94 -26.90 -19.49 -11.76
N VAL A 95 -26.65 -19.12 -10.51
CA VAL A 95 -26.44 -20.10 -9.44
C VAL A 95 -27.63 -21.07 -9.35
N ASP A 96 -28.84 -20.53 -9.26
CA ASP A 96 -29.98 -21.38 -9.16
C ASP A 96 -30.12 -22.27 -10.38
N LEU A 97 -29.84 -21.71 -11.56
CA LEU A 97 -30.08 -22.42 -12.80
C LEU A 97 -29.11 -23.58 -13.00
N VAL A 98 -27.86 -23.35 -12.63
CA VAL A 98 -26.80 -24.30 -12.84
C VAL A 98 -26.94 -25.43 -11.87
N LEU A 99 -27.54 -25.15 -10.72
CA LEU A 99 -27.68 -26.12 -9.64
C LEU A 99 -29.00 -26.85 -9.63
N LYS A 100 -29.82 -26.63 -10.67
CA LYS A 100 -31.11 -27.36 -10.77
C LYS A 100 -30.95 -28.86 -10.70
N PRO A 101 -29.94 -29.44 -11.37
CA PRO A 101 -29.69 -30.91 -11.27
C PRO A 101 -29.52 -31.51 -9.86
N LEU A 102 -29.29 -30.66 -8.87
CA LEU A 102 -29.06 -31.15 -7.50
C LEU A 102 -30.31 -31.57 -6.68
N SER A 103 -30.15 -32.54 -5.79
CA SER A 103 -31.22 -32.85 -4.81
C SER A 103 -31.09 -31.91 -3.63
N ASP A 104 -32.15 -31.83 -2.86
CA ASP A 104 -32.14 -31.04 -1.64
C ASP A 104 -31.10 -31.55 -0.69
N GLU A 105 -30.96 -32.86 -0.55
CA GLU A 105 -29.88 -33.39 0.27
C GLU A 105 -28.50 -32.87 -0.22
N GLN A 106 -28.31 -32.88 -1.55
CA GLN A 106 -27.06 -32.41 -2.12
C GLN A 106 -26.84 -30.93 -1.88
N ARG A 107 -27.92 -30.16 -2.00
CA ARG A 107 -27.83 -28.73 -1.81
C ARG A 107 -27.68 -28.30 -0.33
N ALA A 108 -28.11 -29.14 0.61
CA ALA A 108 -27.95 -28.81 2.02
C ALA A 108 -26.47 -28.87 2.44
N LYS A 109 -25.70 -29.79 1.84
CA LYS A 109 -24.26 -29.89 2.14
C LYS A 109 -23.40 -28.81 1.49
N ILE A 110 -24.01 -27.89 0.75
CA ILE A 110 -23.28 -26.81 0.09
C ILE A 110 -23.67 -25.44 0.60
N ARG A 111 -22.64 -24.63 0.90
CA ARG A 111 -22.82 -23.25 1.32
C ARG A 111 -22.63 -22.27 0.17
N VAL A 112 -23.59 -21.37 0.05
CA VAL A 112 -23.58 -20.36 -0.98
C VAL A 112 -23.33 -19.06 -0.26
N VAL A 113 -22.34 -18.32 -0.73
CA VAL A 113 -21.92 -17.09 -0.08
C VAL A 113 -21.96 -15.91 -1.05
N VAL A 114 -22.81 -14.93 -0.78
CA VAL A 114 -22.80 -13.71 -1.59
C VAL A 114 -21.60 -12.84 -1.20
N ASP A 115 -20.80 -12.42 -2.20
CA ASP A 115 -19.54 -11.68 -1.95
C ASP A 115 -19.44 -10.44 -2.85
N ASP A 116 -19.63 -9.28 -2.24
CA ASP A 116 -19.53 -8.00 -2.91
C ASP A 116 -18.16 -7.77 -3.58
N ASP A 117 -17.12 -8.40 -3.03
CA ASP A 117 -15.80 -8.35 -3.65
C ASP A 117 -15.79 -8.99 -5.01
N LEU A 118 -16.87 -9.69 -5.37
CA LEU A 118 -16.88 -10.36 -6.68
C LEU A 118 -17.67 -9.65 -7.78
N ARG A 119 -18.06 -8.40 -7.54
CA ARG A 119 -18.83 -7.66 -8.54
C ARG A 119 -18.02 -7.37 -9.81
N GLU A 120 -18.74 -6.90 -10.84
CA GLU A 120 -18.10 -6.50 -12.08
C GLU A 120 -17.31 -5.19 -11.85
N TRP A 121 -16.32 -4.97 -12.69
CA TRP A 121 -15.61 -3.71 -12.68
C TRP A 121 -16.62 -2.57 -12.61
N GLU A 122 -16.35 -1.53 -11.81
CA GLU A 122 -17.27 -0.43 -11.78
C GLU A 122 -16.93 0.49 -12.92
N TYR A 123 -17.84 0.60 -13.88
CA TYR A 123 -17.58 1.27 -15.14
C TYR A 123 -17.77 2.75 -15.04
N GLY A 124 -18.38 3.18 -13.94
CA GLY A 124 -18.53 4.62 -13.72
C GLY A 124 -19.22 5.32 -14.89
N ASP A 125 -18.55 6.33 -15.43
CA ASP A 125 -19.07 7.07 -16.55
C ASP A 125 -19.39 6.20 -17.72
N TYR A 126 -18.77 5.01 -17.85
CA TYR A 126 -18.95 4.24 -19.07
C TYR A 126 -20.08 3.22 -18.93
N GLU A 127 -20.79 3.26 -17.81
CA GLU A 127 -21.78 2.24 -17.58
C GLU A 127 -22.80 2.24 -18.71
N GLY A 128 -23.03 1.08 -19.31
CA GLY A 128 -24.06 0.95 -20.34
C GLY A 128 -23.57 1.20 -21.74
N MSE A 129 -22.38 1.79 -21.86
CA MSE A 129 -21.87 2.19 -23.15
C MSE A 129 -21.27 1.02 -23.91
O MSE A 129 -21.13 -0.09 -23.39
CB MSE A 129 -20.84 3.32 -23.01
CG MSE A 129 -21.39 4.65 -22.47
SE MSE A 129 -19.97 5.96 -22.46
CE MSE A 129 -20.02 6.61 -24.27
N LEU A 130 -20.95 1.29 -25.18
CA LEU A 130 -20.15 0.39 -26.02
C LEU A 130 -18.70 0.87 -26.06
N THR A 131 -17.77 -0.04 -26.35
CA THR A 131 -16.37 0.33 -26.50
C THR A 131 -16.17 1.52 -27.46
N ARG A 132 -16.72 1.46 -28.67
CA ARG A 132 -16.54 2.57 -29.62
C ARG A 132 -16.99 3.89 -29.00
N GLU A 133 -18.08 3.83 -28.23
CA GLU A 133 -18.66 4.99 -27.56
C GLU A 133 -17.72 5.49 -26.48
N ILE A 134 -17.09 4.56 -25.75
CA ILE A 134 -16.17 4.90 -24.68
C ILE A 134 -14.96 5.69 -25.24
N ILE A 135 -14.39 5.16 -26.31
CA ILE A 135 -13.29 5.77 -26.99
C ILE A 135 -13.63 7.16 -27.52
N GLU A 136 -14.80 7.29 -28.14
CA GLU A 136 -15.24 8.59 -28.62
C GLU A 136 -15.39 9.60 -27.46
N LEU A 137 -16.02 9.18 -26.35
CA LEU A 137 -16.17 10.05 -25.18
C LEU A 137 -14.83 10.52 -24.59
N ARG A 138 -13.93 9.56 -24.36
CA ARG A 138 -12.58 9.83 -23.88
C ARG A 138 -11.78 10.76 -24.80
N LYS A 139 -11.81 10.49 -26.11
CA LYS A 139 -11.14 11.36 -27.09
C LYS A 139 -11.64 12.82 -27.00
N SER A 140 -12.95 12.98 -26.87
CA SER A 140 -13.54 14.31 -26.72
C SER A 140 -13.15 15.00 -25.40
N ARG A 141 -12.65 14.22 -24.44
CA ARG A 141 -12.19 14.77 -23.15
C ARG A 141 -10.69 15.06 -23.15
N GLY A 142 -10.02 14.85 -24.30
CA GLY A 142 -8.57 14.99 -24.41
C GLY A 142 -7.71 13.83 -23.92
N LEU A 143 -8.35 12.71 -23.57
CA LEU A 143 -7.65 11.54 -23.03
C LEU A 143 -7.05 10.68 -24.15
N ASP A 144 -6.27 9.68 -23.76
CA ASP A 144 -5.67 8.69 -24.66
C ASP A 144 -4.97 9.38 -25.83
N LYS A 145 -4.24 10.44 -25.51
CA LYS A 145 -3.59 11.25 -26.52
C LYS A 145 -2.39 10.51 -27.12
N GLU A 146 -1.68 9.76 -26.27
CA GLU A 146 -0.50 9.00 -26.67
C GLU A 146 -0.72 7.50 -26.97
N ARG A 147 -1.60 6.84 -26.22
CA ARG A 147 -1.95 5.45 -26.57
C ARG A 147 -3.42 5.18 -26.34
N PRO A 148 -3.97 4.14 -26.98
CA PRO A 148 -5.41 3.94 -26.85
C PRO A 148 -5.77 3.42 -25.45
N TRP A 149 -6.98 3.76 -25.02
CA TRP A 149 -7.50 3.33 -23.73
C TRP A 149 -7.30 1.83 -23.53
N ASN A 150 -6.93 1.44 -22.33
CA ASN A 150 -6.79 0.04 -21.99
C ASN A 150 -7.28 -0.07 -20.57
N ILE A 151 -8.41 -0.73 -20.38
CA ILE A 151 -9.06 -0.71 -19.05
C ILE A 151 -8.22 -1.37 -17.96
N TRP A 152 -7.46 -2.42 -18.31
CA TRP A 152 -6.62 -3.14 -17.35
C TRP A 152 -5.50 -2.26 -16.79
N ARG A 153 -5.08 -1.27 -17.57
CA ARG A 153 -4.11 -0.32 -17.10
C ARG A 153 -4.87 0.84 -16.48
N ASP A 154 -5.87 1.34 -17.21
CA ASP A 154 -6.44 2.68 -17.01
C ASP A 154 -7.63 2.78 -16.09
N GLY A 155 -8.42 1.71 -15.99
CA GLY A 155 -9.66 1.74 -15.24
C GLY A 155 -10.64 2.69 -15.89
N CYS A 156 -11.64 3.10 -15.12
CA CYS A 156 -12.78 3.85 -15.61
C CYS A 156 -13.00 5.15 -14.85
N GLU A 157 -13.17 6.24 -15.59
CA GLU A 157 -13.61 7.52 -15.05
C GLU A 157 -14.85 7.43 -14.15
N ASN A 158 -14.68 7.80 -12.87
CA ASN A 158 -15.69 7.62 -11.81
C ASN A 158 -16.14 6.19 -11.55
N GLY A 159 -15.26 5.26 -11.89
CA GLY A 159 -15.43 3.86 -11.58
C GLY A 159 -14.13 3.42 -10.97
N GLU A 160 -13.77 2.15 -11.16
CA GLU A 160 -12.63 1.58 -10.50
C GLU A 160 -11.34 1.70 -11.27
N THR A 161 -10.26 1.82 -10.52
CA THR A 161 -8.92 1.69 -11.06
C THR A 161 -8.59 0.18 -11.13
N THR A 162 -7.58 -0.16 -11.91
CA THR A 162 -7.17 -1.55 -11.96
C THR A 162 -6.72 -2.00 -10.55
N GLN A 163 -6.10 -1.10 -9.81
CA GLN A 163 -5.60 -1.46 -8.50
C GLN A 163 -6.76 -1.77 -7.54
N GLN A 164 -7.89 -1.08 -7.71
CA GLN A 164 -9.04 -1.29 -6.81
C GLN A 164 -9.72 -2.63 -7.01
N ILE A 165 -9.84 -3.10 -8.24
CA ILE A 165 -10.44 -4.39 -8.53
C ILE A 165 -9.43 -5.54 -8.30
N GLY A 166 -8.13 -5.26 -8.55
CA GLY A 166 -7.05 -6.20 -8.22
C GLY A 166 -7.17 -6.55 -6.74
N LEU A 167 -7.16 -5.51 -5.92
CA LEU A 167 -7.32 -5.63 -4.51
C LEU A 167 -8.48 -6.52 -4.08
N ARG A 168 -9.72 -6.12 -4.40
CA ARG A 168 -10.87 -6.90 -3.92
C ARG A 168 -10.81 -8.32 -4.41
N LEU A 169 -10.40 -8.53 -5.65
CA LEU A 169 -10.32 -9.88 -6.18
C LEU A 169 -9.30 -10.69 -5.41
N SER A 170 -8.20 -10.04 -5.03
CA SER A 170 -7.13 -10.71 -4.32
C SER A 170 -7.63 -11.20 -2.95
N ARG A 171 -8.40 -10.37 -2.26
CA ARG A 171 -9.09 -10.78 -1.02
C ARG A 171 -10.03 -11.99 -1.21
N ALA A 172 -10.77 -12.02 -2.29
CA ALA A 172 -11.64 -13.16 -2.48
C ALA A 172 -10.77 -14.38 -2.71
N ILE A 173 -9.68 -14.24 -3.45
CA ILE A 173 -8.88 -15.42 -3.81
C ILE A 173 -8.20 -16.00 -2.60
N ALA A 174 -7.66 -15.08 -1.80
CA ALA A 174 -7.00 -15.43 -0.60
C ALA A 174 -7.95 -16.21 0.33
N ARG A 175 -9.17 -15.71 0.49
CA ARG A 175 -10.15 -16.44 1.32
C ARG A 175 -10.42 -17.82 0.70
N ILE A 176 -10.45 -17.90 -0.63
CA ILE A 176 -10.80 -19.17 -1.30
C ILE A 176 -9.67 -20.18 -1.14
N GLN A 177 -8.43 -19.69 -1.31
CA GLN A 177 -7.31 -20.57 -1.26
C GLN A 177 -7.11 -21.02 0.15
N ASN A 178 -7.42 -20.14 1.08
CA ASN A 178 -7.43 -20.47 2.49
C ASN A 178 -8.32 -21.70 2.82
N LEU A 179 -9.61 -21.62 2.45
CA LEU A 179 -10.55 -22.74 2.62
C LEU A 179 -10.04 -24.01 1.96
N HIS A 180 -9.52 -23.88 0.73
CA HIS A 180 -8.88 -24.98 0.03
C HIS A 180 -7.83 -25.68 0.89
N ARG A 181 -6.91 -24.90 1.43
CA ARG A 181 -5.83 -25.45 2.22
C ARG A 181 -6.33 -26.17 3.45
N LYS A 182 -7.27 -25.54 4.14
CA LYS A 182 -7.86 -26.12 5.33
C LYS A 182 -8.53 -27.45 4.99
N HIS A 183 -9.39 -27.45 3.97
CA HIS A 183 -10.13 -28.64 3.59
C HIS A 183 -9.19 -29.75 3.20
N GLN A 184 -8.20 -29.44 2.36
CA GLN A 184 -7.23 -30.44 1.95
C GLN A 184 -6.50 -30.99 3.17
N SER A 185 -5.96 -30.09 4.01
CA SER A 185 -5.30 -30.52 5.24
C SER A 185 -6.21 -31.36 6.12
N GLU A 186 -7.52 -31.14 6.09
CA GLU A 186 -8.44 -32.05 6.79
C GLU A 186 -8.76 -33.32 6.00
N GLY A 187 -8.11 -33.53 4.85
CA GLY A 187 -8.29 -34.75 4.08
C GLY A 187 -9.55 -34.81 3.22
N ARG A 188 -10.21 -33.65 3.08
CA ARG A 188 -11.40 -33.48 2.23
C ARG A 188 -11.04 -32.99 0.83
N ALA A 189 -11.78 -33.46 -0.18
CA ALA A 189 -11.75 -32.82 -1.49
C ALA A 189 -12.43 -31.48 -1.35
N SER A 190 -12.10 -30.54 -2.22
CA SER A 190 -12.77 -29.23 -2.19
C SER A 190 -12.92 -28.48 -3.51
N ASP A 191 -14.12 -28.54 -4.06
CA ASP A 191 -14.51 -27.75 -5.21
C ASP A 191 -15.36 -26.56 -4.76
N ILE A 192 -14.85 -25.37 -5.03
CA ILE A 192 -15.55 -24.13 -4.77
C ILE A 192 -15.89 -23.50 -6.12
N MSE A 193 -17.10 -22.97 -6.21
CA MSE A 193 -17.57 -22.32 -7.42
C MSE A 193 -17.65 -20.83 -7.24
O MSE A 193 -18.00 -20.33 -6.16
CB MSE A 193 -18.94 -22.85 -7.86
CG MSE A 193 -18.99 -24.35 -7.97
SE MSE A 193 -20.51 -25.06 -8.95
CE MSE A 193 -20.04 -24.60 -10.83
N VAL A 194 -17.36 -20.11 -8.32
CA VAL A 194 -17.48 -18.67 -8.30
C VAL A 194 -18.30 -18.22 -9.49
N PHE A 195 -19.41 -17.55 -9.23
CA PHE A 195 -20.26 -17.07 -10.30
C PHE A 195 -20.13 -15.58 -10.28
N ALA A 196 -19.56 -15.00 -11.35
CA ALA A 196 -19.39 -13.54 -11.40
C ALA A 196 -19.44 -13.03 -12.82
N HIS A 197 -18.49 -12.17 -13.19
CA HIS A 197 -18.61 -11.37 -14.41
C HIS A 197 -17.45 -11.52 -15.39
N GLY A 198 -17.61 -10.94 -16.58
CA GLY A 198 -16.66 -11.07 -17.68
C GLY A 198 -15.33 -10.49 -17.37
N HIS A 199 -15.30 -9.20 -17.06
CA HIS A 199 -14.01 -8.58 -16.74
C HIS A 199 -13.46 -9.16 -15.46
N ALA A 200 -14.31 -9.21 -14.42
CA ALA A 200 -13.89 -9.66 -13.09
C ALA A 200 -13.27 -11.08 -13.08
N LEU A 201 -13.88 -12.01 -13.84
CA LEU A 201 -13.42 -13.40 -13.81
C LEU A 201 -12.13 -13.55 -14.56
N ARG A 202 -12.02 -12.90 -15.73
CA ARG A 202 -10.79 -12.99 -16.47
C ARG A 202 -9.71 -12.48 -15.54
N TYR A 203 -10.02 -11.40 -14.82
CA TYR A 203 -9.07 -10.72 -13.94
C TYR A 203 -8.66 -11.69 -12.85
N PHE A 204 -9.66 -12.41 -12.33
CA PHE A 204 -9.54 -13.36 -11.25
C PHE A 204 -8.58 -14.46 -11.62
N ALA A 205 -8.80 -15.02 -12.82
CA ALA A 205 -8.00 -16.11 -13.36
C ALA A 205 -6.60 -15.63 -13.63
N ALA A 206 -6.49 -14.37 -14.02
CA ALA A 206 -5.21 -13.84 -14.41
C ALA A 206 -4.27 -13.83 -13.19
N ILE A 207 -4.79 -13.37 -12.05
CA ILE A 207 -4.00 -13.27 -10.83
C ILE A 207 -3.90 -14.65 -10.16
N TRP A 208 -4.92 -15.47 -10.33
CA TRP A 208 -4.84 -16.82 -9.83
C TRP A 208 -3.45 -17.34 -10.15
N PHE A 209 -3.08 -17.31 -11.42
CA PHE A 209 -1.84 -17.99 -11.75
C PHE A 209 -0.63 -17.12 -11.97
N GLY A 210 -0.70 -15.85 -11.60
CA GLY A 210 0.54 -15.08 -11.47
C GLY A 210 0.78 -13.91 -12.40
N LEU A 211 -0.17 -13.67 -13.29
CA LEU A 211 -0.07 -12.52 -14.17
C LEU A 211 -0.10 -11.19 -13.39
N GLY A 212 0.34 -10.10 -14.03
CA GLY A 212 0.26 -8.77 -13.41
C GLY A 212 1.29 -8.57 -12.32
N VAL A 213 1.09 -7.58 -11.45
CA VAL A 213 2.13 -7.20 -10.48
C VAL A 213 1.75 -7.26 -8.96
N GLN A 214 2.71 -7.71 -8.14
CA GLN A 214 2.58 -7.69 -6.68
C GLN A 214 2.76 -6.27 -6.11
N LYS A 215 1.83 -5.86 -5.26
CA LYS A 215 1.93 -4.57 -4.60
C LYS A 215 1.56 -4.75 -3.15
N LYS A 216 2.34 -4.17 -2.25
CA LYS A 216 2.04 -4.24 -0.82
C LYS A 216 0.84 -3.38 -0.45
N CYS A 217 0.15 -3.80 0.60
CA CYS A 217 -1.01 -3.09 1.12
C CYS A 217 -0.58 -1.97 2.04
N GLU A 218 -0.74 -0.74 1.55
CA GLU A 218 -0.25 0.43 2.27
C GLU A 218 -1.32 1.45 2.65
N THR A 219 -2.11 1.90 1.68
CA THR A 219 -3.14 2.90 1.96
C THR A 219 -4.24 2.32 2.87
N ILE A 220 -5.13 3.20 3.34
CA ILE A 220 -6.19 2.77 4.28
C ILE A 220 -7.14 1.76 3.63
N GLU A 221 -7.48 1.96 2.36
CA GLU A 221 -8.33 1.04 1.62
C GLU A 221 -7.62 -0.30 1.47
N GLU A 222 -6.31 -0.23 1.20
CA GLU A 222 -5.49 -1.41 0.92
C GLU A 222 -5.30 -2.34 2.13
N ILE A 223 -5.75 -1.90 3.31
CA ILE A 223 -5.54 -2.64 4.58
C ILE A 223 -6.84 -3.04 5.28
N GLN A 224 -7.89 -2.24 5.10
CA GLN A 224 -9.11 -2.41 5.89
C GLN A 224 -10.03 -3.56 5.44
N ASN A 225 -10.86 -4.02 6.37
CA ASN A 225 -11.89 -5.01 6.08
C ASN A 225 -13.20 -4.34 5.63
N VAL A 226 -13.46 -4.37 4.33
CA VAL A 226 -14.59 -3.64 3.79
C VAL A 226 -15.93 -4.32 4.06
N LYS A 227 -15.89 -5.51 4.67
CA LYS A 227 -17.07 -6.33 4.97
C LYS A 227 -17.91 -6.54 3.74
N SER A 228 -17.41 -7.37 2.82
CA SER A 228 -18.03 -7.57 1.51
C SER A 228 -18.99 -8.78 1.44
N TYR A 229 -18.91 -9.65 2.44
CA TYR A 229 -19.83 -10.77 2.55
C TYR A 229 -20.16 -10.94 4.02
N ASP A 230 -21.19 -11.70 4.28
CA ASP A 230 -21.60 -11.96 5.65
C ASP A 230 -21.77 -13.46 5.88
N ASP A 231 -20.69 -14.16 6.23
CA ASP A 231 -20.73 -15.60 6.52
C ASP A 231 -19.56 -16.03 7.41
N ASP A 232 -19.87 -16.27 8.67
CA ASP A 232 -18.87 -16.59 9.70
C ASP A 232 -17.98 -17.79 9.41
N THR A 233 -18.47 -18.67 8.55
CA THR A 233 -17.74 -19.88 8.19
C THR A 233 -16.67 -19.59 7.14
N VAL A 234 -16.70 -18.39 6.59
CA VAL A 234 -15.61 -18.00 5.73
C VAL A 234 -14.66 -17.09 6.51
N PRO A 235 -13.51 -17.65 6.90
CA PRO A 235 -12.45 -16.84 7.47
C PRO A 235 -12.07 -15.63 6.60
N TYR A 236 -11.89 -14.47 7.22
CA TYR A 236 -11.32 -13.32 6.52
C TYR A 236 -9.83 -13.43 6.46
N VAL A 237 -9.26 -13.12 5.30
CA VAL A 237 -7.83 -13.14 5.14
C VAL A 237 -7.26 -11.73 5.00
N LYS A 238 -6.51 -11.30 6.03
CA LYS A 238 -5.85 -9.98 6.09
C LYS A 238 -4.57 -10.00 5.20
N LEU A 239 -4.60 -9.36 4.04
CA LEU A 239 -3.50 -9.49 3.08
C LEU A 239 -2.28 -8.65 3.40
N GLU A 240 -1.09 -9.20 3.21
CA GLU A 240 0.18 -8.42 3.33
C GLU A 240 0.37 -7.54 2.10
N SER A 241 0.16 -8.17 0.95
CA SER A 241 0.24 -7.51 -0.32
C SER A 241 -0.86 -8.11 -1.19
N TYR A 242 -0.99 -7.60 -2.41
CA TYR A 242 -2.05 -8.03 -3.29
C TYR A 242 -1.60 -7.98 -4.73
N ARG A 243 -2.44 -8.51 -5.64
CA ARG A 243 -2.10 -8.43 -7.06
C ARG A 243 -3.08 -7.58 -7.85
N HIS A 244 -2.54 -6.87 -8.85
CA HIS A 244 -3.36 -6.18 -9.85
C HIS A 244 -2.67 -6.34 -11.20
N LEU A 245 -3.45 -6.19 -12.28
CA LEU A 245 -2.91 -6.27 -13.64
C LEU A 245 -2.46 -4.89 -14.09
N VAL A 246 -1.71 -4.86 -15.18
CA VAL A 246 -1.40 -3.56 -15.80
C VAL A 246 -1.70 -3.67 -17.28
N ASP A 247 -2.05 -4.87 -17.71
CA ASP A 247 -2.44 -5.09 -19.08
C ASP A 247 -3.44 -6.23 -19.29
N ASN A 248 -3.86 -6.40 -20.53
CA ASN A 248 -4.78 -7.43 -20.97
C ASN A 248 -4.20 -8.81 -20.70
N PRO A 249 -4.92 -9.67 -19.95
CA PRO A 249 -4.39 -11.02 -19.76
C PRO A 249 -4.71 -11.93 -20.95
N CYS A 250 -5.66 -11.53 -21.78
CA CYS A 250 -5.99 -12.21 -23.06
C CYS A 250 -6.78 -13.46 -22.88
N PHE A 251 -7.75 -13.41 -22.00
CA PHE A 251 -8.66 -14.51 -21.82
C PHE A 251 -9.91 -14.19 -22.65
N LEU A 252 -10.54 -15.23 -23.18
CA LEU A 252 -11.89 -15.07 -23.75
C LEU A 252 -12.92 -15.71 -22.80
N LEU A 253 -14.03 -15.01 -22.59
CA LEU A 253 -15.01 -15.47 -21.64
C LEU A 253 -16.39 -14.97 -22.00
N ASP A 254 -17.11 -15.80 -22.72
CA ASP A 254 -18.48 -15.53 -23.05
C ASP A 254 -19.38 -15.67 -21.81
N ALA A 255 -20.64 -15.21 -21.94
CA ALA A 255 -21.69 -15.55 -20.99
C ALA A 255 -21.73 -17.05 -20.84
N GLY A 256 -21.72 -17.52 -19.59
CA GLY A 256 -21.80 -18.95 -19.30
C GLY A 256 -20.51 -19.69 -19.51
N GLY A 257 -19.45 -18.98 -19.86
CA GLY A 257 -18.12 -19.57 -19.98
C GLY A 257 -17.67 -20.03 -18.62
N ILE A 258 -16.77 -21.02 -18.62
CA ILE A 258 -16.30 -21.60 -17.41
C ILE A 258 -14.82 -21.74 -17.49
N GLY A 259 -14.12 -21.36 -16.42
CA GLY A 259 -12.72 -21.66 -16.25
C GLY A 259 -12.49 -22.50 -15.03
N VAL A 260 -11.39 -23.23 -15.04
CA VAL A 260 -11.06 -24.17 -13.99
C VAL A 260 -9.70 -23.77 -13.43
N LEU A 261 -9.71 -23.27 -12.20
CA LEU A 261 -8.49 -22.87 -11.54
C LEU A 261 -8.13 -23.92 -10.51
N SER A 262 -6.83 -24.11 -10.29
CA SER A 262 -6.36 -25.21 -9.45
C SER A 262 -4.91 -25.11 -8.93
N TYR A 263 -4.18 -26.22 -8.90
CA TYR A 263 -2.86 -26.25 -8.31
C TYR A 263 -1.95 -27.29 -8.91
N ALA A 264 -0.68 -26.94 -9.04
CA ALA A 264 0.38 -27.88 -9.42
C ALA A 264 0.67 -28.79 -8.24
N HIS A 265 0.97 -30.04 -8.53
CA HIS A 265 1.53 -31.00 -7.57
C HIS A 265 0.82 -31.03 -6.24
N HIS A 266 -0.48 -30.76 -6.31
CA HIS A 266 -1.37 -30.87 -5.15
C HIS A 266 -0.93 -29.89 -4.09
N ASN A 267 -0.16 -28.90 -4.50
CA ASN A 267 0.34 -27.91 -3.57
C ASN A 267 -0.37 -26.60 -3.72
N ILE A 268 -1.12 -26.27 -2.69
CA ILE A 268 -1.94 -25.07 -2.72
C ILE A 268 -1.06 -23.81 -2.79
N ASP A 269 0.24 -23.97 -2.55
CA ASP A 269 1.24 -22.90 -2.79
C ASP A 269 1.56 -22.65 -4.26
N GLU A 270 1.11 -23.52 -5.16
CA GLU A 270 1.43 -23.38 -6.56
C GLU A 270 0.15 -23.30 -7.35
N PRO A 271 -0.56 -22.17 -7.22
CA PRO A 271 -1.80 -22.00 -7.99
C PRO A 271 -1.54 -22.09 -9.51
N ALA A 272 -2.53 -22.63 -10.21
CA ALA A 272 -2.41 -23.00 -11.61
C ALA A 272 -3.76 -22.87 -12.30
N LEU A 273 -3.75 -22.56 -13.58
CA LEU A 273 -4.95 -22.67 -14.40
C LEU A 273 -4.99 -24.06 -14.97
N GLU A 274 -6.13 -24.72 -14.86
CA GLU A 274 -6.26 -26.03 -15.47
C GLU A 274 -6.91 -26.02 -16.86
N LEU A 275 -6.25 -26.72 -17.77
CA LEU A 275 -6.83 -27.02 -19.05
C LEU A 275 -7.55 -28.34 -18.80
N ALA A 276 -8.83 -28.21 -18.46
CA ALA A 276 -9.61 -29.27 -17.91
C ALA A 276 -10.39 -30.02 -18.98
N GLY A 277 -10.16 -31.32 -19.08
CA GLY A 277 -11.01 -32.14 -19.91
C GLY A 277 -12.36 -32.44 -19.24
N PRO A 278 -13.20 -33.22 -19.92
CA PRO A 278 -14.53 -33.49 -19.39
C PRO A 278 -14.54 -34.23 -18.03
N PHE A 279 -13.45 -34.91 -17.68
CA PHE A 279 -13.42 -35.55 -16.36
C PHE A 279 -12.10 -35.63 -15.66
N VAL A 280 -12.20 -35.50 -14.34
CA VAL A 280 -11.08 -35.53 -13.43
C VAL A 280 -10.63 -36.95 -13.15
N SER A 281 -9.32 -37.16 -13.16
CA SER A 281 -8.77 -38.46 -12.86
C SER A 281 -8.51 -38.58 -11.38
N PRO A 282 -8.75 -39.77 -10.82
CA PRO A 282 -8.44 -40.06 -9.41
C PRO A 282 -6.93 -39.87 -9.23
N PRO A 283 -6.48 -39.45 -8.03
CA PRO A 283 -5.02 -39.12 -7.92
C PRO A 283 -4.14 -40.31 -8.31
N GLU A 284 -4.62 -41.54 -8.03
CA GLU A 284 -3.94 -42.77 -8.44
C GLU A 284 -3.85 -42.98 -9.96
N GLU A 285 -4.61 -42.18 -10.70
CA GLU A 285 -4.64 -42.28 -12.17
C GLU A 285 -4.10 -41.05 -12.86
N GLU A 286 -3.85 -40.00 -12.08
CA GLU A 286 -3.35 -38.72 -12.61
C GLU A 286 -1.98 -38.84 -13.29
N SER A 287 -1.67 -37.91 -14.18
CA SER A 287 -0.44 -37.89 -14.95
C SER A 287 0.26 -36.52 -14.82
N GLN A 288 1.09 -36.42 -13.79
CA GLN A 288 1.83 -35.20 -13.45
C GLN A 288 3.23 -35.56 -12.95
N HIS A 289 4.22 -34.77 -13.34
CA HIS A 289 5.58 -34.96 -12.86
C HIS A 289 5.63 -34.60 -11.38
N GLY A 290 6.56 -35.18 -10.61
CA GLY A 290 6.77 -34.73 -9.23
C GLY A 290 7.21 -33.27 -9.18
N ASP A 291 7.05 -32.65 -8.01
CA ASP A 291 7.52 -31.28 -7.78
C ASP A 291 9.03 -31.16 -7.57
N VAL A 292 9.45 -29.89 -7.61
CA VAL A 292 10.70 -29.32 -7.03
C VAL A 292 11.63 -28.91 -8.18
N SER B 24 -20.57 -15.88 -39.06
CA SER B 24 -19.45 -16.87 -39.11
C SER B 24 -18.83 -17.08 -37.71
N LEU B 25 -18.55 -18.33 -37.30
CA LEU B 25 -18.05 -18.64 -35.92
C LEU B 25 -16.60 -18.25 -35.70
N THR B 26 -16.26 -17.88 -34.46
CA THR B 26 -14.87 -17.56 -34.19
C THR B 26 -14.09 -18.88 -34.23
N PRO B 27 -12.99 -18.92 -35.03
CA PRO B 27 -12.10 -20.10 -35.11
C PRO B 27 -11.48 -20.48 -33.78
N ARG B 28 -11.25 -21.77 -33.56
CA ARG B 28 -10.54 -22.19 -32.35
C ARG B 28 -9.50 -23.25 -32.67
N CYS B 29 -8.46 -23.25 -31.87
CA CYS B 29 -7.54 -24.34 -31.85
C CYS B 29 -7.70 -25.02 -30.49
N ILE B 30 -8.06 -26.30 -30.52
CA ILE B 30 -8.54 -27.05 -29.40
C ILE B 30 -7.44 -28.04 -29.12
N ILE B 31 -6.72 -27.89 -28.01
CA ILE B 31 -5.55 -28.73 -27.73
C ILE B 31 -5.89 -29.80 -26.72
N VAL B 32 -5.38 -31.01 -26.98
CA VAL B 32 -5.76 -32.18 -26.23
C VAL B 32 -4.52 -33.00 -25.92
N ARG B 33 -4.31 -33.34 -24.65
CA ARG B 33 -3.18 -34.17 -24.28
C ARG B 33 -3.57 -35.62 -24.51
N HIS B 34 -2.62 -36.43 -24.96
CA HIS B 34 -2.90 -37.84 -25.24
C HIS B 34 -3.38 -38.50 -23.98
N GLY B 35 -4.12 -39.60 -24.10
CA GLY B 35 -4.46 -40.44 -22.96
C GLY B 35 -3.30 -40.96 -22.12
N GLN B 36 -3.61 -41.56 -20.98
CA GLN B 36 -2.61 -42.04 -20.05
C GLN B 36 -1.76 -43.16 -20.66
N THR B 37 -0.45 -43.03 -20.44
CA THR B 37 0.49 -44.10 -20.71
C THR B 37 1.02 -44.58 -19.36
N GLU B 38 1.77 -45.69 -19.37
CA GLU B 38 2.39 -46.20 -18.16
C GLU B 38 3.32 -45.21 -17.46
N TRP B 39 4.23 -44.60 -18.22
CA TRP B 39 5.15 -43.64 -17.65
C TRP B 39 4.41 -42.40 -17.17
N SER B 40 3.40 -41.94 -17.92
CA SER B 40 2.73 -40.66 -17.57
C SER B 40 1.99 -40.75 -16.23
N LYS B 41 1.40 -41.93 -15.99
CA LYS B 41 0.70 -42.27 -14.75
C LYS B 41 1.64 -42.27 -13.54
N SER B 42 2.91 -42.55 -13.77
CA SER B 42 3.88 -42.78 -12.69
C SER B 42 4.78 -41.56 -12.44
N GLY B 43 4.57 -40.50 -13.21
CA GLY B 43 5.31 -39.23 -13.06
C GLY B 43 6.62 -39.12 -13.84
N GLN B 44 6.85 -40.07 -14.74
CA GLN B 44 8.08 -40.16 -15.51
C GLN B 44 8.00 -39.23 -16.72
N TYR B 45 9.12 -38.65 -17.10
CA TYR B 45 9.20 -37.78 -18.26
C TYR B 45 9.26 -38.64 -19.52
N THR B 46 8.19 -38.56 -20.32
CA THR B 46 8.09 -39.32 -21.57
C THR B 46 8.25 -38.33 -22.69
N GLY B 47 9.37 -38.40 -23.42
CA GLY B 47 9.58 -37.57 -24.62
C GLY B 47 9.44 -38.35 -25.90
N LEU B 48 10.56 -38.66 -26.54
CA LEU B 48 10.59 -39.48 -27.76
C LEU B 48 10.32 -40.98 -27.55
N THR B 49 10.38 -41.46 -26.31
CA THR B 49 10.02 -42.85 -26.05
C THR B 49 8.57 -43.09 -26.55
N ASP B 50 8.37 -44.09 -27.40
CA ASP B 50 7.08 -44.16 -28.06
C ASP B 50 6.00 -45.03 -27.41
N LEU B 51 5.73 -44.77 -26.13
CA LEU B 51 4.80 -45.61 -25.35
C LEU B 51 3.38 -45.64 -25.89
N PRO B 52 2.70 -46.79 -25.68
CA PRO B 52 1.26 -46.89 -25.95
C PRO B 52 0.41 -46.35 -24.81
N LEU B 53 -0.82 -46.01 -25.14
CA LEU B 53 -1.84 -45.80 -24.16
C LEU B 53 -2.01 -47.04 -23.30
N THR B 54 -2.16 -46.84 -21.99
CA THR B 54 -2.58 -47.93 -21.11
C THR B 54 -4.04 -48.20 -21.40
N PRO B 55 -4.51 -49.43 -21.07
CA PRO B 55 -5.93 -49.71 -21.16
C PRO B 55 -6.78 -48.61 -20.55
N TYR B 56 -6.49 -48.20 -19.32
CA TYR B 56 -7.26 -47.10 -18.72
C TYR B 56 -7.24 -45.84 -19.60
N GLY B 57 -6.09 -45.57 -20.19
CA GLY B 57 -5.96 -44.43 -21.07
C GLY B 57 -6.89 -44.48 -22.25
N GLU B 58 -7.06 -45.67 -22.81
CA GLU B 58 -7.93 -45.87 -23.97
C GLU B 58 -9.34 -45.52 -23.62
N GLY B 59 -9.87 -46.18 -22.61
CA GLY B 59 -11.21 -45.94 -22.14
C GLY B 59 -11.37 -44.46 -21.85
N GLN B 60 -10.30 -43.86 -21.33
CA GLN B 60 -10.30 -42.47 -20.97
C GLN B 60 -10.51 -41.54 -22.19
N MSE B 61 -9.94 -41.91 -23.33
CA MSE B 61 -10.06 -41.09 -24.53
C MSE B 61 -11.33 -41.43 -25.31
O MSE B 61 -11.92 -40.56 -25.98
CB MSE B 61 -8.80 -41.22 -25.37
CG MSE B 61 -7.50 -40.81 -24.62
SE MSE B 61 -7.71 -39.20 -23.49
CE MSE B 61 -8.21 -37.95 -24.88
N LEU B 62 -11.77 -42.69 -25.23
CA LEU B 62 -13.07 -43.09 -25.76
C LEU B 62 -14.21 -42.26 -25.12
N ARG B 63 -14.20 -42.18 -23.79
CA ARG B 63 -15.19 -41.39 -23.08
C ARG B 63 -15.05 -39.90 -23.38
N THR B 64 -13.81 -39.42 -23.59
CA THR B 64 -13.59 -38.02 -23.96
C THR B 64 -14.30 -37.67 -25.28
N GLY B 65 -14.06 -38.48 -26.30
CA GLY B 65 -14.52 -38.15 -27.63
C GLY B 65 -16.01 -38.12 -27.53
N GLU B 66 -16.55 -39.13 -26.87
CA GLU B 66 -17.98 -39.23 -26.67
C GLU B 66 -18.48 -37.94 -26.06
N SER B 67 -17.80 -37.48 -25.02
CA SER B 67 -18.32 -36.36 -24.31
C SER B 67 -18.15 -35.06 -25.07
N VAL B 68 -17.09 -34.91 -25.88
CA VAL B 68 -16.94 -33.65 -26.63
C VAL B 68 -17.75 -33.56 -27.89
N PHE B 69 -18.29 -34.68 -28.35
CA PHE B 69 -19.08 -34.68 -29.57
C PHE B 69 -20.55 -34.82 -29.29
N ARG B 70 -20.85 -35.11 -28.03
CA ARG B 70 -22.24 -35.27 -27.62
C ARG B 70 -23.07 -34.10 -28.12
N ASN B 71 -24.11 -34.44 -28.86
CA ASN B 71 -25.05 -33.47 -29.41
C ASN B 71 -24.49 -32.20 -30.13
N ASN B 72 -23.20 -32.21 -30.52
CA ASN B 72 -22.67 -31.14 -31.38
C ASN B 72 -22.60 -29.80 -30.72
N GLN B 73 -22.79 -29.73 -29.42
CA GLN B 73 -22.79 -28.42 -28.77
C GLN B 73 -21.39 -27.84 -28.46
N PHE B 74 -20.44 -28.68 -28.03
CA PHE B 74 -19.08 -28.19 -27.81
C PHE B 74 -18.25 -28.21 -29.09
N LEU B 75 -18.35 -29.31 -29.85
CA LEU B 75 -17.59 -29.46 -31.09
C LEU B 75 -18.49 -30.07 -32.12
N ASN B 76 -18.68 -29.37 -33.23
CA ASN B 76 -19.44 -29.92 -34.33
C ASN B 76 -18.47 -30.35 -35.38
N PRO B 77 -18.48 -31.65 -35.73
CA PRO B 77 -17.56 -32.18 -36.72
C PRO B 77 -17.62 -31.47 -38.08
N ASP B 78 -18.76 -30.88 -38.44
CA ASP B 78 -18.83 -30.03 -39.66
C ASP B 78 -17.88 -28.81 -39.65
N ASN B 79 -17.57 -28.30 -38.47
CA ASN B 79 -16.74 -27.12 -38.32
C ASN B 79 -15.25 -27.44 -38.21
N ILE B 80 -14.92 -28.74 -38.14
CA ILE B 80 -13.51 -29.16 -38.01
C ILE B 80 -12.86 -29.15 -39.37
N THR B 81 -11.76 -28.42 -39.48
CA THR B 81 -11.02 -28.39 -40.72
C THR B 81 -9.79 -29.26 -40.60
N TYR B 82 -8.92 -28.95 -39.64
CA TYR B 82 -7.71 -29.74 -39.45
C TYR B 82 -7.55 -30.34 -38.05
N ILE B 83 -6.91 -31.51 -38.03
CA ILE B 83 -6.53 -32.14 -36.81
C ILE B 83 -5.03 -32.35 -36.95
N PHE B 84 -4.24 -31.68 -36.11
CA PHE B 84 -2.79 -31.91 -36.03
C PHE B 84 -2.45 -32.86 -34.88
N THR B 85 -1.43 -33.67 -35.12
CA THR B 85 -1.00 -34.65 -34.16
C THR B 85 0.52 -34.76 -34.15
N SER B 86 1.08 -34.79 -32.93
CA SER B 86 2.46 -35.18 -32.67
C SER B 86 2.63 -36.55 -33.33
N PRO B 87 3.85 -36.87 -33.82
CA PRO B 87 4.04 -38.20 -34.37
C PRO B 87 3.94 -39.34 -33.37
N ARG B 88 4.17 -39.09 -32.08
CA ARG B 88 4.14 -40.15 -31.07
C ARG B 88 2.88 -41.07 -31.11
N LEU B 89 3.08 -42.36 -30.86
CA LEU B 89 1.98 -43.32 -30.85
C LEU B 89 0.81 -42.90 -29.98
N ARG B 90 1.11 -42.64 -28.71
CA ARG B 90 0.12 -42.22 -27.73
C ARG B 90 -0.80 -41.08 -28.21
N ALA B 91 -0.26 -40.18 -29.00
CA ALA B 91 -1.05 -39.07 -29.49
C ALA B 91 -1.91 -39.55 -30.63
N ARG B 92 -1.32 -40.32 -31.54
CA ARG B 92 -2.10 -40.82 -32.66
C ARG B 92 -3.23 -41.75 -32.18
N GLN B 93 -2.95 -42.60 -31.21
CA GLN B 93 -3.96 -43.45 -30.64
C GLN B 93 -5.13 -42.61 -30.14
N THR B 94 -4.79 -41.52 -29.48
CA THR B 94 -5.81 -40.65 -28.94
C THR B 94 -6.72 -40.07 -30.02
N VAL B 95 -6.12 -39.66 -31.16
CA VAL B 95 -6.91 -39.18 -32.31
C VAL B 95 -8.00 -40.20 -32.71
N ASP B 96 -7.60 -41.46 -32.89
CA ASP B 96 -8.57 -42.42 -33.31
C ASP B 96 -9.66 -42.47 -32.30
N LEU B 97 -9.29 -42.56 -31.02
CA LEU B 97 -10.25 -42.87 -29.99
C LEU B 97 -11.25 -41.75 -29.73
N VAL B 98 -10.77 -40.53 -29.81
CA VAL B 98 -11.57 -39.33 -29.61
C VAL B 98 -12.53 -39.12 -30.78
N LEU B 99 -12.12 -39.55 -31.98
CA LEU B 99 -12.93 -39.38 -33.20
C LEU B 99 -13.84 -40.55 -33.53
N LYS B 100 -13.91 -41.51 -32.63
CA LYS B 100 -14.83 -42.66 -32.78
C LYS B 100 -16.29 -42.30 -33.06
N PRO B 101 -16.83 -41.28 -32.36
CA PRO B 101 -18.25 -40.97 -32.61
C PRO B 101 -18.58 -40.39 -34.01
N LEU B 102 -17.57 -40.12 -34.83
CA LEU B 102 -17.81 -39.58 -36.17
C LEU B 102 -18.18 -40.63 -37.20
N SER B 103 -18.96 -40.21 -38.19
CA SER B 103 -19.29 -41.03 -39.34
C SER B 103 -18.19 -40.91 -40.38
N ASP B 104 -18.18 -41.84 -41.32
CA ASP B 104 -17.16 -41.78 -42.36
C ASP B 104 -17.25 -40.51 -43.20
N GLU B 105 -18.48 -40.11 -43.50
CA GLU B 105 -18.76 -38.87 -44.18
C GLU B 105 -18.13 -37.74 -43.41
N GLN B 106 -18.37 -37.71 -42.10
CA GLN B 106 -17.78 -36.68 -41.26
C GLN B 106 -16.26 -36.68 -41.30
N ARG B 107 -15.66 -37.87 -41.24
CA ARG B 107 -14.19 -38.03 -41.25
C ARG B 107 -13.52 -37.67 -42.57
N ALA B 108 -14.24 -37.83 -43.67
CA ALA B 108 -13.70 -37.50 -44.98
C ALA B 108 -13.50 -35.99 -45.15
N LYS B 109 -14.39 -35.20 -44.56
CA LYS B 109 -14.23 -33.75 -44.62
C LYS B 109 -13.10 -33.21 -43.73
N ILE B 110 -12.39 -34.06 -42.99
CA ILE B 110 -11.38 -33.60 -42.04
C ILE B 110 -10.02 -34.14 -42.40
N ARG B 111 -9.02 -33.24 -42.39
CA ARG B 111 -7.61 -33.56 -42.66
C ARG B 111 -6.83 -33.69 -41.37
N VAL B 112 -6.14 -34.81 -41.28
CA VAL B 112 -5.34 -35.13 -40.11
C VAL B 112 -3.91 -35.00 -40.58
N VAL B 113 -3.10 -34.19 -39.89
CA VAL B 113 -1.71 -33.94 -40.30
C VAL B 113 -0.77 -34.33 -39.18
N VAL B 114 0.10 -35.29 -39.45
CA VAL B 114 1.22 -35.60 -38.53
C VAL B 114 2.28 -34.46 -38.58
N ASP B 115 2.60 -33.86 -37.44
CA ASP B 115 3.60 -32.77 -37.37
C ASP B 115 4.61 -32.98 -36.28
N ASP B 116 5.83 -33.25 -36.71
CA ASP B 116 6.93 -33.48 -35.79
C ASP B 116 7.22 -32.28 -34.90
N ASP B 117 6.85 -31.09 -35.37
CA ASP B 117 7.02 -29.87 -34.61
C ASP B 117 6.23 -29.98 -33.32
N LEU B 118 5.34 -30.96 -33.26
CA LEU B 118 4.43 -31.09 -32.14
C LEU B 118 4.87 -32.08 -31.04
N ARG B 119 6.10 -32.61 -31.14
CA ARG B 119 6.54 -33.61 -30.15
C ARG B 119 6.73 -33.07 -28.73
N GLU B 120 6.98 -33.96 -27.79
CA GLU B 120 7.18 -33.54 -26.41
C GLU B 120 8.59 -32.97 -26.35
N TRP B 121 8.83 -32.16 -25.34
CA TRP B 121 10.16 -31.62 -25.06
C TRP B 121 11.10 -32.82 -25.10
N GLU B 122 12.21 -32.72 -25.81
CA GLU B 122 13.17 -33.82 -25.83
C GLU B 122 13.95 -33.79 -24.52
N TYR B 123 13.74 -34.82 -23.72
CA TYR B 123 14.19 -34.84 -22.33
C TYR B 123 15.67 -35.21 -22.22
N GLY B 124 16.25 -35.70 -23.32
CA GLY B 124 17.68 -36.05 -23.34
C GLY B 124 18.03 -37.02 -22.23
N ASP B 125 19.08 -36.68 -21.50
CA ASP B 125 19.52 -37.47 -20.33
C ASP B 125 18.40 -37.86 -19.38
N TYR B 126 17.36 -37.02 -19.33
CA TYR B 126 16.35 -37.18 -18.30
C TYR B 126 15.21 -38.11 -18.77
N GLU B 127 15.27 -38.58 -20.01
CA GLU B 127 14.24 -39.44 -20.54
C GLU B 127 13.98 -40.57 -19.57
N GLY B 128 12.71 -40.73 -19.18
CA GLY B 128 12.30 -41.85 -18.35
C GLY B 128 12.36 -41.59 -16.87
N MSE B 129 12.92 -40.46 -16.50
CA MSE B 129 13.18 -40.22 -15.09
C MSE B 129 12.02 -39.57 -14.33
O MSE B 129 11.00 -39.22 -14.92
CB MSE B 129 14.49 -39.45 -14.88
CG MSE B 129 15.76 -40.24 -15.15
SE MSE B 129 17.21 -39.01 -14.92
CE MSE B 129 16.71 -38.17 -13.33
N LEU B 130 12.17 -39.46 -13.01
CA LEU B 130 11.27 -38.68 -12.14
C LEU B 130 11.95 -37.35 -11.80
N THR B 131 11.13 -36.35 -11.52
CA THR B 131 11.65 -35.07 -11.07
C THR B 131 12.71 -35.26 -10.00
N ARG B 132 12.36 -35.94 -8.92
CA ARG B 132 13.29 -36.17 -7.79
C ARG B 132 14.65 -36.66 -8.29
N GLU B 133 14.62 -37.59 -9.24
CA GLU B 133 15.81 -38.20 -9.80
C GLU B 133 16.61 -37.19 -10.64
N ILE B 134 15.89 -36.39 -11.43
CA ILE B 134 16.53 -35.37 -12.26
C ILE B 134 17.34 -34.44 -11.38
N ILE B 135 16.72 -33.96 -10.29
CA ILE B 135 17.35 -33.03 -9.36
C ILE B 135 18.61 -33.67 -8.75
N GLU B 136 18.48 -34.93 -8.34
CA GLU B 136 19.61 -35.67 -7.78
C GLU B 136 20.74 -35.83 -8.79
N LEU B 137 20.40 -36.22 -10.02
CA LEU B 137 21.39 -36.33 -11.09
C LEU B 137 22.12 -35.02 -11.36
N ARG B 138 21.39 -33.93 -11.55
CA ARG B 138 21.97 -32.59 -11.75
C ARG B 138 22.85 -32.13 -10.58
N LYS B 139 22.36 -32.27 -9.35
CA LYS B 139 23.13 -31.93 -8.16
C LYS B 139 24.48 -32.62 -8.12
N SER B 140 24.49 -33.92 -8.44
CA SER B 140 25.72 -34.72 -8.49
C SER B 140 26.68 -34.25 -9.60
N ARG B 141 26.14 -33.51 -10.57
CA ARG B 141 26.95 -32.94 -11.65
C ARG B 141 27.41 -31.53 -11.37
N GLY B 142 27.12 -31.00 -10.18
CA GLY B 142 27.46 -29.63 -9.80
C GLY B 142 26.50 -28.54 -10.30
N LEU B 143 25.37 -28.94 -10.90
CA LEU B 143 24.44 -27.96 -11.48
C LEU B 143 23.43 -27.44 -10.44
N ASP B 144 22.68 -26.40 -10.81
CA ASP B 144 21.66 -25.82 -9.93
C ASP B 144 22.23 -25.38 -8.58
N LYS B 145 23.44 -24.82 -8.59
CA LYS B 145 24.12 -24.46 -7.37
C LYS B 145 23.47 -23.24 -6.71
N GLU B 146 23.02 -22.30 -7.54
CA GLU B 146 22.37 -21.08 -7.01
C GLU B 146 20.83 -21.09 -7.00
N ARG B 147 20.20 -21.69 -8.00
CA ARG B 147 18.74 -21.82 -7.99
C ARG B 147 18.30 -23.19 -8.50
N PRO B 148 17.13 -23.67 -8.06
CA PRO B 148 16.65 -25.00 -8.48
C PRO B 148 16.41 -25.08 -10.00
N TRP B 149 16.61 -26.26 -10.57
CA TRP B 149 16.31 -26.52 -11.98
C TRP B 149 14.90 -26.07 -12.34
N ASN B 150 14.74 -25.55 -13.53
CA ASN B 150 13.50 -25.03 -14.00
C ASN B 150 13.55 -25.27 -15.47
N ILE B 151 12.76 -26.25 -15.92
CA ILE B 151 12.84 -26.74 -17.29
C ILE B 151 12.56 -25.64 -18.31
N TRP B 152 11.55 -24.81 -18.02
CA TRP B 152 11.14 -23.73 -18.88
C TRP B 152 12.25 -22.70 -19.13
N ARG B 153 13.15 -22.57 -18.16
CA ARG B 153 14.29 -21.68 -18.31
C ARG B 153 15.46 -22.48 -18.89
N ASP B 154 15.70 -23.66 -18.30
CA ASP B 154 16.99 -24.36 -18.41
C ASP B 154 17.03 -25.45 -19.46
N GLY B 155 15.89 -26.04 -19.78
CA GLY B 155 15.86 -27.17 -20.71
C GLY B 155 16.54 -28.40 -20.12
N CYS B 156 16.95 -29.33 -20.99
CA CYS B 156 17.42 -30.64 -20.57
C CYS B 156 18.71 -31.03 -21.24
N GLU B 157 19.70 -31.43 -20.43
CA GLU B 157 21.02 -31.87 -20.91
C GLU B 157 20.86 -32.98 -21.96
N ASN B 158 21.48 -32.78 -23.14
CA ASN B 158 21.31 -33.63 -24.35
C ASN B 158 19.89 -33.73 -24.91
N GLY B 159 19.06 -32.76 -24.51
CA GLY B 159 17.72 -32.63 -25.03
C GLY B 159 17.57 -31.19 -25.43
N GLU B 160 16.35 -30.68 -25.39
CA GLU B 160 16.06 -29.36 -25.94
C GLU B 160 16.23 -28.23 -24.93
N THR B 161 16.63 -27.08 -25.43
CA THR B 161 16.54 -25.86 -24.61
C THR B 161 15.12 -25.31 -24.74
N THR B 162 14.79 -24.33 -23.90
CA THR B 162 13.50 -23.67 -23.96
C THR B 162 13.32 -22.97 -25.33
N GLN B 163 14.39 -22.39 -25.87
CA GLN B 163 14.34 -21.74 -27.18
C GLN B 163 14.00 -22.69 -28.35
N GLN B 164 14.49 -23.92 -28.28
CA GLN B 164 14.33 -24.86 -29.36
C GLN B 164 12.88 -25.32 -29.50
N ILE B 165 12.21 -25.46 -28.36
CA ILE B 165 10.85 -25.95 -28.31
C ILE B 165 9.92 -24.76 -28.54
N GLY B 166 10.29 -23.59 -28.01
CA GLY B 166 9.58 -22.36 -28.31
C GLY B 166 9.50 -22.17 -29.82
N LEU B 167 10.66 -22.15 -30.47
CA LEU B 167 10.75 -22.04 -31.93
C LEU B 167 9.80 -23.00 -32.62
N ARG B 168 9.96 -24.32 -32.43
CA ARG B 168 9.17 -25.28 -33.21
C ARG B 168 7.68 -25.17 -32.96
N LEU B 169 7.30 -24.92 -31.72
CA LEU B 169 5.91 -24.72 -31.40
C LEU B 169 5.38 -23.46 -32.08
N SER B 170 6.23 -22.43 -32.21
CA SER B 170 5.83 -21.15 -32.84
C SER B 170 5.48 -21.33 -34.32
N ARG B 171 6.27 -22.13 -35.02
CA ARG B 171 5.94 -22.49 -36.41
C ARG B 171 4.65 -23.27 -36.52
N ALA B 172 4.39 -24.15 -35.57
CA ALA B 172 3.08 -24.81 -35.56
C ALA B 172 2.00 -23.75 -35.42
N ILE B 173 2.20 -22.83 -34.49
CA ILE B 173 1.15 -21.92 -34.13
C ILE B 173 0.84 -21.05 -35.31
N ALA B 174 1.90 -20.60 -35.97
CA ALA B 174 1.76 -19.67 -37.08
C ALA B 174 1.09 -20.36 -38.26
N ARG B 175 1.43 -21.61 -38.51
CA ARG B 175 0.72 -22.40 -39.51
C ARG B 175 -0.78 -22.46 -39.22
N ILE B 176 -1.08 -22.71 -37.95
CA ILE B 176 -2.46 -22.92 -37.54
C ILE B 176 -3.23 -21.63 -37.63
N GLN B 177 -2.61 -20.54 -37.19
CA GLN B 177 -3.26 -19.24 -37.23
C GLN B 177 -3.49 -18.75 -38.65
N ASN B 178 -2.55 -19.09 -39.51
CA ASN B 178 -2.64 -18.77 -40.89
C ASN B 178 -3.82 -19.51 -41.55
N LEU B 179 -3.96 -20.81 -41.28
CA LEU B 179 -5.17 -21.52 -41.74
C LEU B 179 -6.44 -20.87 -41.23
N HIS B 180 -6.42 -20.52 -39.95
CA HIS B 180 -7.57 -19.93 -39.32
C HIS B 180 -7.97 -18.66 -40.06
N ARG B 181 -6.99 -17.79 -40.36
CA ARG B 181 -7.25 -16.49 -41.03
C ARG B 181 -7.82 -16.65 -42.45
N LYS B 182 -7.27 -17.62 -43.17
CA LYS B 182 -7.71 -17.91 -44.51
C LYS B 182 -9.14 -18.42 -44.46
N HIS B 183 -9.41 -19.35 -43.55
CA HIS B 183 -10.76 -19.91 -43.40
C HIS B 183 -11.79 -18.88 -43.07
N GLN B 184 -11.49 -18.04 -42.08
CA GLN B 184 -12.39 -16.96 -41.68
C GLN B 184 -12.62 -16.03 -42.86
N SER B 185 -11.52 -15.59 -43.48
CA SER B 185 -11.61 -14.70 -44.64
C SER B 185 -12.43 -15.31 -45.77
N GLU B 186 -12.44 -16.64 -45.90
CA GLU B 186 -13.34 -17.36 -46.81
C GLU B 186 -14.77 -17.51 -46.31
N GLY B 187 -15.07 -17.03 -45.11
CA GLY B 187 -16.43 -17.08 -44.56
C GLY B 187 -16.78 -18.42 -43.91
N ARG B 188 -15.75 -19.23 -43.67
CA ARG B 188 -15.88 -20.54 -43.08
C ARG B 188 -15.58 -20.49 -41.58
N ALA B 189 -16.32 -21.26 -40.81
CA ALA B 189 -15.93 -21.53 -39.44
C ALA B 189 -14.73 -22.49 -39.46
N SER B 190 -13.87 -22.42 -38.46
CA SER B 190 -12.76 -23.36 -38.42
C SER B 190 -12.24 -23.78 -37.03
N ASP B 191 -12.53 -25.03 -36.69
CA ASP B 191 -11.98 -25.65 -35.48
C ASP B 191 -10.84 -26.60 -35.83
N ILE B 192 -9.62 -26.22 -35.44
CA ILE B 192 -8.45 -27.06 -35.63
C ILE B 192 -8.10 -27.70 -34.29
N MSE B 193 -7.77 -28.99 -34.33
CA MSE B 193 -7.40 -29.69 -33.13
C MSE B 193 -5.95 -30.02 -33.15
O MSE B 193 -5.35 -30.25 -34.21
CB MSE B 193 -8.20 -30.96 -33.01
CG MSE B 193 -9.71 -30.75 -33.00
SE MSE B 193 -10.70 -32.42 -32.71
CE MSE B 193 -10.52 -32.60 -30.77
N VAL B 194 -5.36 -30.05 -31.94
CA VAL B 194 -4.00 -30.46 -31.73
C VAL B 194 -3.95 -31.54 -30.64
N PHE B 195 -3.45 -32.71 -30.98
CA PHE B 195 -3.22 -33.71 -29.99
C PHE B 195 -1.73 -33.83 -29.86
N ALA B 196 -1.24 -33.55 -28.65
CA ALA B 196 0.18 -33.68 -28.34
C ALA B 196 0.40 -33.94 -26.84
N HIS B 197 1.36 -33.20 -26.24
CA HIS B 197 1.89 -33.60 -24.95
C HIS B 197 1.77 -32.55 -23.84
N GLY B 198 2.11 -32.97 -22.62
CA GLY B 198 1.92 -32.18 -21.42
C GLY B 198 2.77 -30.94 -21.33
N HIS B 199 4.08 -31.11 -21.45
CA HIS B 199 4.94 -29.91 -21.50
C HIS B 199 4.63 -29.12 -22.77
N ALA B 200 4.48 -29.81 -23.91
CA ALA B 200 4.43 -29.13 -25.20
C ALA B 200 3.18 -28.25 -25.30
N LEU B 201 2.05 -28.81 -24.84
CA LEU B 201 0.80 -28.10 -24.98
C LEU B 201 0.72 -26.95 -24.02
N ARG B 202 1.13 -27.16 -22.77
CA ARG B 202 1.15 -26.05 -21.85
C ARG B 202 1.95 -24.93 -22.48
N TYR B 203 3.14 -25.28 -23.01
CA TYR B 203 4.01 -24.35 -23.75
C TYR B 203 3.24 -23.66 -24.85
N PHE B 204 2.58 -24.46 -25.68
CA PHE B 204 1.83 -24.00 -26.82
C PHE B 204 0.82 -22.92 -26.44
N ALA B 205 0.09 -23.19 -25.35
CA ALA B 205 -1.00 -22.34 -24.93
C ALA B 205 -0.45 -21.09 -24.29
N ALA B 206 0.69 -21.25 -23.63
CA ALA B 206 1.35 -20.12 -23.05
C ALA B 206 1.70 -19.08 -24.14
N ILE B 207 2.24 -19.53 -25.27
CA ILE B 207 2.66 -18.57 -26.29
C ILE B 207 1.48 -18.17 -27.13
N TRP B 208 0.50 -19.04 -27.28
CA TRP B 208 -0.67 -18.59 -27.98
C TRP B 208 -1.07 -17.21 -27.47
N PHE B 209 -1.27 -17.08 -26.17
CA PHE B 209 -1.82 -15.85 -25.64
C PHE B 209 -0.84 -14.81 -25.09
N GLY B 210 0.45 -15.02 -25.32
CA GLY B 210 1.42 -13.95 -25.15
C GLY B 210 2.42 -14.02 -24.01
N LEU B 211 2.45 -15.14 -23.31
CA LEU B 211 3.44 -15.32 -22.25
C LEU B 211 4.86 -15.49 -22.85
N GLY B 212 5.89 -15.27 -22.02
CA GLY B 212 7.27 -15.50 -22.43
C GLY B 212 7.84 -14.36 -23.24
N VAL B 213 8.91 -14.60 -24.01
CA VAL B 213 9.57 -13.50 -24.75
C VAL B 213 9.69 -13.66 -26.28
N GLN B 214 9.57 -12.52 -26.99
CA GLN B 214 9.76 -12.44 -28.45
C GLN B 214 11.26 -12.41 -28.77
N LYS B 215 11.67 -13.29 -29.67
CA LYS B 215 13.06 -13.32 -30.15
C LYS B 215 13.06 -13.42 -31.67
N LYS B 216 13.90 -12.61 -32.31
CA LYS B 216 14.07 -12.63 -33.76
C LYS B 216 14.75 -13.91 -34.22
N CYS B 217 14.41 -14.35 -35.43
CA CYS B 217 14.99 -15.53 -36.04
C CYS B 217 16.34 -15.18 -36.69
N GLU B 218 17.43 -15.61 -36.06
CA GLU B 218 18.78 -15.20 -36.46
C GLU B 218 19.69 -16.34 -36.90
N THR B 219 19.81 -17.36 -36.03
CA THR B 219 20.67 -18.52 -36.30
C THR B 219 20.14 -19.39 -37.47
N ILE B 220 20.99 -20.30 -37.95
CA ILE B 220 20.63 -21.16 -39.09
C ILE B 220 19.36 -21.98 -38.76
N GLU B 221 19.32 -22.52 -37.54
CA GLU B 221 18.20 -23.31 -37.00
C GLU B 221 16.92 -22.45 -36.95
N GLU B 222 17.09 -21.22 -36.47
CA GLU B 222 15.99 -20.26 -36.27
C GLU B 222 15.31 -19.80 -37.58
N ILE B 223 15.89 -20.13 -38.73
CA ILE B 223 15.47 -19.61 -40.02
C ILE B 223 14.99 -20.72 -40.99
N GLN B 224 15.57 -21.91 -40.86
CA GLN B 224 15.41 -23.01 -41.80
C GLN B 224 14.06 -23.75 -41.73
N ASN B 225 13.71 -24.37 -42.84
CA ASN B 225 12.53 -25.21 -42.97
C ASN B 225 12.94 -26.64 -42.63
N VAL B 226 12.65 -27.08 -41.41
CA VAL B 226 13.13 -28.41 -41.00
C VAL B 226 12.25 -29.55 -41.54
N LYS B 227 11.21 -29.17 -42.28
CA LYS B 227 10.21 -30.09 -42.85
C LYS B 227 9.74 -31.12 -41.83
N SER B 228 8.83 -30.67 -40.94
CA SER B 228 8.33 -31.45 -39.80
C SER B 228 7.01 -32.17 -40.08
N TYR B 229 6.37 -31.78 -41.19
CA TYR B 229 5.15 -32.42 -41.62
C TYR B 229 5.18 -32.50 -43.13
N ASP B 230 4.35 -33.38 -43.67
CA ASP B 230 4.29 -33.58 -45.11
C ASP B 230 2.81 -33.52 -45.59
N ASP B 231 2.31 -32.30 -45.81
CA ASP B 231 0.95 -32.05 -46.31
C ASP B 231 0.86 -30.71 -47.07
N ASP B 232 0.69 -30.81 -48.39
CA ASP B 232 0.75 -29.67 -49.27
C ASP B 232 -0.33 -28.63 -49.02
N THR B 233 -1.41 -29.05 -48.39
CA THR B 233 -2.51 -28.12 -48.14
C THR B 233 -2.30 -27.30 -46.87
N VAL B 234 -1.20 -27.56 -46.17
CA VAL B 234 -0.85 -26.75 -45.01
C VAL B 234 0.31 -25.84 -45.41
N PRO B 235 0.02 -24.56 -45.68
CA PRO B 235 1.13 -23.69 -46.06
C PRO B 235 2.16 -23.54 -44.93
N TYR B 236 3.45 -23.50 -45.32
CA TYR B 236 4.51 -23.25 -44.38
C TYR B 236 4.58 -21.75 -44.11
N VAL B 237 4.68 -21.40 -42.84
CA VAL B 237 4.89 -19.99 -42.46
C VAL B 237 6.35 -19.71 -42.04
N LYS B 238 7.06 -18.92 -42.84
CA LYS B 238 8.44 -18.50 -42.59
C LYS B 238 8.45 -17.38 -41.53
N LEU B 239 8.89 -17.68 -40.31
CA LEU B 239 8.81 -16.71 -39.22
C LEU B 239 9.87 -15.60 -39.20
N GLU B 240 9.44 -14.35 -38.93
CA GLU B 240 10.37 -13.22 -38.74
C GLU B 240 11.00 -13.38 -37.38
N SER B 241 10.17 -13.69 -36.40
CA SER B 241 10.60 -13.89 -35.04
C SER B 241 9.77 -15.01 -34.47
N TYR B 242 10.01 -15.38 -33.22
CA TYR B 242 9.25 -16.44 -32.57
C TYR B 242 9.17 -16.20 -31.07
N ARG B 243 8.44 -17.08 -30.38
CA ARG B 243 8.32 -16.98 -28.93
C ARG B 243 8.89 -18.19 -28.23
N HIS B 244 9.45 -17.94 -27.05
CA HIS B 244 9.83 -18.98 -26.11
C HIS B 244 9.54 -18.46 -24.70
N LEU B 245 9.45 -19.37 -23.73
CA LEU B 245 9.21 -18.99 -22.34
C LEU B 245 10.55 -18.88 -21.62
N VAL B 246 10.55 -18.28 -20.44
CA VAL B 246 11.73 -18.31 -19.61
C VAL B 246 11.34 -18.80 -18.22
N ASP B 247 10.04 -18.97 -18.01
CA ASP B 247 9.54 -19.48 -16.74
C ASP B 247 8.25 -20.31 -16.87
N ASN B 248 7.84 -20.93 -15.77
CA ASN B 248 6.67 -21.78 -15.73
C ASN B 248 5.40 -20.95 -16.04
N PRO B 249 4.58 -21.39 -17.03
CA PRO B 249 3.36 -20.61 -17.28
C PRO B 249 2.27 -20.89 -16.26
N CYS B 250 2.41 -21.96 -15.49
CA CYS B 250 1.42 -22.38 -14.44
C CYS B 250 0.13 -22.91 -15.00
N PHE B 251 0.23 -23.72 -16.04
CA PHE B 251 -0.93 -24.47 -16.51
C PHE B 251 -0.92 -25.86 -15.86
N LEU B 252 -2.10 -26.39 -15.57
CA LEU B 252 -2.22 -27.81 -15.24
C LEU B 252 -2.82 -28.54 -16.42
N LEU B 253 -2.25 -29.69 -16.77
CA LEU B 253 -2.75 -30.45 -17.89
C LEU B 253 -2.49 -31.92 -17.67
N ASP B 254 -3.51 -32.61 -17.21
CA ASP B 254 -3.48 -34.04 -17.04
C ASP B 254 -3.62 -34.70 -18.42
N ALA B 255 -3.35 -36.00 -18.46
CA ALA B 255 -3.63 -36.83 -19.61
C ALA B 255 -5.12 -36.66 -19.98
N GLY B 256 -5.43 -36.54 -21.26
CA GLY B 256 -6.81 -36.28 -21.67
C GLY B 256 -7.32 -34.86 -21.41
N GLY B 257 -6.48 -33.98 -20.85
CA GLY B 257 -6.89 -32.61 -20.60
C GLY B 257 -7.05 -31.84 -21.91
N ILE B 258 -7.90 -30.83 -21.87
CA ILE B 258 -8.26 -30.08 -23.06
C ILE B 258 -8.13 -28.60 -22.77
N GLY B 259 -7.58 -27.89 -23.73
CA GLY B 259 -7.49 -26.45 -23.66
C GLY B 259 -8.13 -25.92 -24.91
N VAL B 260 -8.71 -24.73 -24.78
CA VAL B 260 -9.39 -24.12 -25.90
C VAL B 260 -8.75 -22.76 -26.16
N LEU B 261 -8.10 -22.65 -27.31
CA LEU B 261 -7.41 -21.44 -27.69
C LEU B 261 -8.16 -20.79 -28.81
N SER B 262 -8.11 -19.46 -28.88
CA SER B 262 -9.02 -18.72 -29.73
C SER B 262 -8.64 -17.23 -29.89
N TYR B 263 -9.63 -16.32 -29.97
CA TYR B 263 -9.42 -14.93 -30.39
C TYR B 263 -10.40 -13.93 -29.80
N ALA B 264 -9.86 -12.80 -29.36
CA ALA B 264 -10.69 -11.70 -28.92
C ALA B 264 -11.27 -11.01 -30.15
N HIS B 265 -12.49 -10.51 -29.99
CA HIS B 265 -13.18 -9.68 -30.99
C HIS B 265 -13.12 -10.22 -32.42
N HIS B 266 -13.18 -11.55 -32.55
CA HIS B 266 -13.22 -12.21 -33.84
C HIS B 266 -11.98 -11.83 -34.65
N ASN B 267 -10.95 -11.36 -33.98
CA ASN B 267 -9.79 -10.86 -34.66
C ASN B 267 -8.63 -11.81 -34.43
N ILE B 268 -8.24 -12.44 -35.53
CA ILE B 268 -7.24 -13.46 -35.49
C ILE B 268 -5.88 -12.84 -35.11
N ASP B 269 -5.83 -11.50 -35.09
CA ASP B 269 -4.66 -10.79 -34.55
C ASP B 269 -4.61 -10.65 -33.04
N GLU B 270 -5.69 -11.07 -32.36
CA GLU B 270 -5.71 -10.97 -30.91
C GLU B 270 -5.90 -12.35 -30.35
N PRO B 271 -4.87 -13.21 -30.44
CA PRO B 271 -5.03 -14.55 -29.89
C PRO B 271 -5.36 -14.52 -28.40
N ALA B 272 -6.11 -15.50 -27.95
CA ALA B 272 -6.64 -15.52 -26.59
C ALA B 272 -6.84 -16.94 -26.13
N LEU B 273 -6.77 -17.16 -24.83
CA LEU B 273 -7.19 -18.45 -24.26
C LEU B 273 -8.66 -18.35 -23.86
N GLU B 274 -9.48 -19.29 -24.33
CA GLU B 274 -10.89 -19.26 -23.98
C GLU B 274 -11.17 -20.04 -22.68
N LEU B 275 -11.91 -19.42 -21.76
CA LEU B 275 -12.48 -20.17 -20.66
C LEU B 275 -13.82 -20.70 -21.20
N ALA B 276 -13.78 -21.89 -21.78
CA ALA B 276 -14.91 -22.39 -22.55
C ALA B 276 -15.87 -23.15 -21.70
N GLY B 277 -17.13 -22.76 -21.76
CA GLY B 277 -18.19 -23.59 -21.20
C GLY B 277 -18.54 -24.76 -22.10
N PRO B 278 -19.52 -25.59 -21.70
CA PRO B 278 -19.82 -26.76 -22.54
C PRO B 278 -20.35 -26.46 -23.95
N PHE B 279 -20.79 -25.24 -24.23
CA PHE B 279 -21.22 -24.95 -25.62
C PHE B 279 -21.04 -23.52 -26.09
N VAL B 280 -20.76 -23.44 -27.39
CA VAL B 280 -20.47 -22.21 -28.09
C VAL B 280 -21.74 -21.47 -28.40
N SER B 281 -21.69 -20.15 -28.23
CA SER B 281 -22.79 -19.30 -28.61
C SER B 281 -22.61 -18.87 -30.06
N PRO B 282 -23.71 -18.83 -30.83
CA PRO B 282 -23.68 -18.29 -32.18
C PRO B 282 -23.33 -16.80 -32.07
N PRO B 283 -22.68 -16.22 -33.08
CA PRO B 283 -22.17 -14.86 -32.96
C PRO B 283 -23.28 -13.90 -32.54
N GLU B 284 -24.49 -14.12 -33.07
CA GLU B 284 -25.66 -13.31 -32.76
C GLU B 284 -26.10 -13.38 -31.27
N GLU B 285 -25.63 -14.40 -30.55
CA GLU B 285 -25.96 -14.56 -29.13
C GLU B 285 -24.77 -14.37 -28.19
N GLU B 286 -23.58 -14.12 -28.75
CA GLU B 286 -22.34 -13.99 -27.99
C GLU B 286 -22.38 -12.75 -27.12
N SER B 287 -21.58 -12.77 -26.06
CA SER B 287 -21.47 -11.63 -25.14
C SER B 287 -20.04 -11.16 -24.99
N GLN B 288 -19.65 -10.27 -25.89
CA GLN B 288 -18.33 -9.65 -25.87
C GLN B 288 -18.42 -8.15 -26.11
N HIS B 289 -17.59 -7.37 -25.43
CA HIS B 289 -17.50 -5.95 -25.71
C HIS B 289 -16.83 -5.77 -27.09
N GLY B 290 -17.10 -4.66 -27.78
CA GLY B 290 -16.44 -4.39 -29.05
C GLY B 290 -14.95 -4.12 -28.83
N ASP B 291 -14.20 -4.14 -29.92
CA ASP B 291 -12.76 -3.92 -29.86
C ASP B 291 -12.37 -2.45 -29.77
N VAL B 292 -11.08 -2.27 -29.46
CA VAL B 292 -10.20 -1.08 -29.74
C VAL B 292 -9.89 -0.34 -28.42
N SER C 24 21.81 14.28 37.47
CA SER C 24 22.14 14.03 36.02
C SER C 24 21.11 14.74 35.15
N LEU C 25 21.51 15.33 34.03
CA LEU C 25 20.57 16.06 33.15
C LEU C 25 19.68 15.13 32.32
N THR C 26 18.46 15.57 32.02
CA THR C 26 17.61 14.77 31.16
C THR C 26 18.16 14.77 29.74
N PRO C 27 18.24 13.59 29.12
CA PRO C 27 18.76 13.51 27.80
C PRO C 27 17.85 14.18 26.74
N ARG C 28 18.43 14.61 25.63
CA ARG C 28 17.73 15.22 24.54
C ARG C 28 18.17 14.69 23.20
N CYS C 29 17.22 14.67 22.28
CA CYS C 29 17.52 14.43 20.88
C CYS C 29 17.15 15.75 20.24
N ILE C 30 18.16 16.43 19.70
CA ILE C 30 17.97 17.77 19.16
C ILE C 30 17.99 17.67 17.63
N ILE C 31 16.86 17.91 16.98
CA ILE C 31 16.78 17.64 15.56
C ILE C 31 16.92 18.96 14.77
N VAL C 32 17.65 18.90 13.66
CA VAL C 32 18.00 20.09 12.93
C VAL C 32 17.85 19.88 11.44
N ARG C 33 17.08 20.72 10.74
CA ARG C 33 16.93 20.57 9.29
C ARG C 33 18.17 21.23 8.68
N HIS C 34 18.66 20.61 7.62
CA HIS C 34 19.81 21.11 6.86
C HIS C 34 19.57 22.56 6.42
N GLY C 35 20.64 23.33 6.24
CA GLY C 35 20.49 24.67 5.69
C GLY C 35 19.83 24.73 4.32
N GLN C 36 19.56 25.95 3.85
CA GLN C 36 18.89 26.18 2.59
C GLN C 36 19.62 25.53 1.40
N THR C 37 18.87 24.83 0.56
CA THR C 37 19.36 24.48 -0.79
C THR C 37 18.56 25.22 -1.87
N GLU C 38 19.03 25.20 -3.10
CA GLU C 38 18.34 25.86 -4.22
C GLU C 38 16.91 25.35 -4.38
N TRP C 39 16.73 24.04 -4.32
CA TRP C 39 15.40 23.43 -4.45
C TRP C 39 14.49 23.71 -3.26
N SER C 40 15.03 23.66 -2.02
CA SER C 40 14.19 23.85 -0.83
C SER C 40 13.65 25.27 -0.79
N LYS C 41 14.47 26.25 -1.19
CA LYS C 41 14.08 27.66 -1.24
C LYS C 41 12.91 27.92 -2.18
N SER C 42 12.82 27.11 -3.23
CA SER C 42 11.85 27.35 -4.29
C SER C 42 10.61 26.46 -4.18
N GLY C 43 10.53 25.68 -3.12
CA GLY C 43 9.35 24.84 -2.89
C GLY C 43 9.36 23.41 -3.43
N GLN C 44 10.50 23.01 -3.98
CA GLN C 44 10.57 21.78 -4.72
C GLN C 44 10.90 20.63 -3.76
N TYR C 45 10.33 19.47 -4.04
CA TYR C 45 10.59 18.28 -3.26
C TYR C 45 12.04 17.74 -3.49
N THR C 46 12.87 17.81 -2.45
CA THR C 46 14.23 17.36 -2.59
C THR C 46 14.41 16.12 -1.75
N GLY C 47 14.61 14.98 -2.42
CA GLY C 47 14.76 13.71 -1.74
C GLY C 47 16.16 13.14 -1.85
N LEU C 48 16.32 12.12 -2.68
CA LEU C 48 17.67 11.61 -2.91
C LEU C 48 18.57 12.55 -3.71
N THR C 49 18.00 13.56 -4.37
CA THR C 49 18.90 14.45 -5.12
C THR C 49 19.89 15.07 -4.16
N ASP C 50 21.16 15.04 -4.49
CA ASP C 50 22.16 15.40 -3.53
C ASP C 50 22.61 16.87 -3.61
N LEU C 51 21.67 17.80 -3.57
CA LEU C 51 22.01 19.22 -3.62
C LEU C 51 22.94 19.68 -2.52
N PRO C 52 23.83 20.64 -2.84
CA PRO C 52 24.52 21.36 -1.77
C PRO C 52 23.70 22.54 -1.22
N LEU C 53 24.10 23.03 -0.04
CA LEU C 53 23.63 24.30 0.49
C LEU C 53 23.93 25.45 -0.47
N THR C 54 22.99 26.37 -0.58
CA THR C 54 23.26 27.62 -1.26
C THR C 54 24.17 28.42 -0.36
N PRO C 55 24.88 29.42 -0.91
CA PRO C 55 25.64 30.33 -0.04
C PRO C 55 24.82 30.87 1.12
N TYR C 56 23.60 31.32 0.89
CA TYR C 56 22.76 31.77 2.02
C TYR C 56 22.59 30.68 3.08
N GLY C 57 22.41 29.45 2.62
CA GLY C 57 22.23 28.33 3.50
C GLY C 57 23.40 28.14 4.43
N GLU C 58 24.60 28.38 3.89
CA GLU C 58 25.81 28.16 4.67
C GLU C 58 25.88 29.17 5.79
N GLY C 59 25.77 30.43 5.40
CA GLY C 59 25.81 31.51 6.36
C GLY C 59 24.78 31.24 7.45
N GLN C 60 23.66 30.70 7.02
CA GLN C 60 22.54 30.45 7.88
C GLN C 60 22.88 29.39 8.94
N MSE C 61 23.63 28.36 8.57
CA MSE C 61 23.99 27.32 9.55
C MSE C 61 25.24 27.67 10.36
O MSE C 61 25.39 27.21 11.51
CB MSE C 61 24.14 25.91 8.93
CG MSE C 61 22.94 25.31 8.20
SE MSE C 61 21.28 25.81 8.99
CE MSE C 61 21.08 24.41 10.28
N LEU C 62 26.14 28.47 9.77
CA LEU C 62 27.24 29.03 10.56
C LEU C 62 26.69 29.88 11.70
N ARG C 63 25.69 30.73 11.42
CA ARG C 63 25.07 31.58 12.44
C ARG C 63 24.31 30.74 13.46
N THR C 64 23.69 29.67 13.01
CA THR C 64 22.96 28.82 13.94
C THR C 64 23.86 28.16 14.94
N GLY C 65 25.00 27.68 14.46
CA GLY C 65 25.90 26.94 15.29
C GLY C 65 26.36 27.88 16.33
N GLU C 66 26.68 29.10 15.91
CA GLU C 66 27.21 30.09 16.85
C GLU C 66 26.17 30.32 17.89
N SER C 67 24.93 30.41 17.44
CA SER C 67 23.89 30.79 18.31
C SER C 67 23.56 29.64 19.29
N VAL C 68 23.67 28.40 18.83
CA VAL C 68 23.36 27.29 19.74
C VAL C 68 24.45 26.96 20.72
N PHE C 69 25.68 27.32 20.39
CA PHE C 69 26.76 27.03 21.32
C PHE C 69 27.15 28.24 22.15
N ARG C 70 26.62 29.41 21.79
CA ARG C 70 26.89 30.62 22.57
C ARG C 70 26.83 30.35 24.08
N ASN C 71 27.93 30.64 24.76
CA ASN C 71 28.02 30.50 26.23
C ASN C 71 27.56 29.16 26.89
N ASN C 72 27.40 28.08 26.11
CA ASN C 72 27.12 26.76 26.68
C ASN C 72 25.77 26.66 27.38
N GLN C 73 24.90 27.62 27.17
CA GLN C 73 23.64 27.60 27.90
C GLN C 73 22.56 26.70 27.27
N PHE C 74 22.47 26.71 25.94
CA PHE C 74 21.52 25.84 25.28
C PHE C 74 22.10 24.43 25.10
N LEU C 75 23.33 24.40 24.60
CA LEU C 75 23.97 23.15 24.28
C LEU C 75 25.41 23.23 24.69
N ASN C 76 25.80 22.32 25.57
CA ASN C 76 27.16 22.25 26.03
C ASN C 76 27.83 21.10 25.34
N PRO C 77 28.82 21.41 24.50
CA PRO C 77 29.54 20.35 23.79
C PRO C 77 29.97 19.16 24.70
N ASP C 78 30.30 19.42 25.97
CA ASP C 78 30.61 18.37 26.96
C ASP C 78 29.54 17.30 27.07
N ASN C 79 28.27 17.69 26.89
CA ASN C 79 27.13 16.82 27.08
C ASN C 79 26.70 16.06 25.82
N ILE C 80 27.29 16.41 24.67
CA ILE C 80 26.98 15.80 23.42
C ILE C 80 27.70 14.45 23.31
N THR C 81 26.93 13.38 23.08
CA THR C 81 27.51 12.07 22.85
C THR C 81 27.56 11.73 21.34
N TYR C 82 26.40 11.87 20.69
CA TYR C 82 26.21 11.43 19.32
C TYR C 82 25.61 12.49 18.47
N ILE C 83 26.06 12.54 17.23
CA ILE C 83 25.41 13.34 16.20
C ILE C 83 25.11 12.41 15.06
N PHE C 84 23.83 12.28 14.72
CA PHE C 84 23.44 11.45 13.56
C PHE C 84 23.18 12.36 12.42
N THR C 85 23.50 11.87 11.23
CA THR C 85 23.22 12.63 10.02
C THR C 85 22.76 11.74 8.89
N SER C 86 21.77 12.25 8.16
CA SER C 86 21.34 11.70 6.86
C SER C 86 22.58 11.63 6.01
N PRO C 87 22.62 10.68 5.08
CA PRO C 87 23.76 10.70 4.18
C PRO C 87 23.84 11.92 3.22
N ARG C 88 22.73 12.62 2.98
CA ARG C 88 22.74 13.73 2.01
C ARG C 88 23.83 14.76 2.27
N LEU C 89 24.42 15.26 1.19
CA LEU C 89 25.42 16.33 1.32
C LEU C 89 24.96 17.50 2.14
N ARG C 90 23.78 18.04 1.81
CA ARG C 90 23.22 19.17 2.53
C ARG C 90 23.17 18.96 4.07
N ALA C 91 22.94 17.72 4.50
CA ALA C 91 22.82 17.45 5.93
C ALA C 91 24.22 17.44 6.50
N ARG C 92 25.13 16.79 5.78
CA ARG C 92 26.52 16.70 6.24
C ARG C 92 27.14 18.09 6.25
N GLN C 93 26.91 18.89 5.21
CA GLN C 93 27.51 20.23 5.21
C GLN C 93 27.04 20.95 6.44
N THR C 94 25.77 20.80 6.76
CA THR C 94 25.22 21.47 7.92
C THR C 94 25.97 21.07 9.21
N VAL C 95 26.21 19.78 9.43
CA VAL C 95 26.96 19.32 10.63
C VAL C 95 28.27 20.09 10.83
N ASP C 96 29.05 20.19 9.77
CA ASP C 96 30.31 20.87 9.83
C ASP C 96 30.10 22.30 10.20
N LEU C 97 29.08 22.91 9.60
CA LEU C 97 28.88 24.33 9.75
C LEU C 97 28.43 24.65 11.17
N VAL C 98 27.56 23.82 11.71
CA VAL C 98 26.99 24.09 13.00
C VAL C 98 27.99 23.88 14.08
N LEU C 99 28.94 22.97 13.86
CA LEU C 99 29.91 22.65 14.91
C LEU C 99 31.19 23.43 14.80
N LYS C 100 31.25 24.42 13.92
CA LYS C 100 32.48 25.19 13.78
C LYS C 100 32.94 25.85 15.07
N PRO C 101 32.01 26.37 15.93
CA PRO C 101 32.48 26.92 17.22
C PRO C 101 33.22 25.96 18.17
N LEU C 102 33.22 24.66 17.91
CA LEU C 102 33.89 23.71 18.77
C LEU C 102 35.42 23.62 18.61
N SER C 103 36.13 23.23 19.67
CA SER C 103 37.55 22.97 19.56
C SER C 103 37.75 21.53 19.18
N ASP C 104 38.96 21.22 18.75
CA ASP C 104 39.29 19.85 18.41
C ASP C 104 39.12 18.91 19.60
N GLU C 105 39.59 19.31 20.80
CA GLU C 105 39.35 18.52 22.01
C GLU C 105 37.83 18.23 22.17
N GLN C 106 37.01 19.26 21.95
CA GLN C 106 35.55 19.13 21.99
C GLN C 106 35.01 18.14 20.97
N ARG C 107 35.48 18.25 19.73
CA ARG C 107 35.02 17.38 18.63
C ARG C 107 35.53 15.93 18.76
N ALA C 108 36.67 15.73 19.40
CA ALA C 108 37.17 14.38 19.65
C ALA C 108 36.25 13.52 20.52
N LYS C 109 35.59 14.16 21.49
CA LYS C 109 34.70 13.46 22.43
C LYS C 109 33.34 13.15 21.83
N ILE C 110 33.14 13.49 20.55
CA ILE C 110 31.83 13.46 19.88
C ILE C 110 31.88 12.54 18.71
N ARG C 111 30.86 11.69 18.60
CA ARG C 111 30.78 10.67 17.58
C ARG C 111 29.70 11.06 16.60
N VAL C 112 30.07 11.05 15.34
CA VAL C 112 29.22 11.47 14.27
C VAL C 112 28.95 10.24 13.44
N VAL C 113 27.67 9.89 13.29
CA VAL C 113 27.27 8.66 12.59
C VAL C 113 26.41 8.99 11.39
N VAL C 114 26.87 8.61 10.20
CA VAL C 114 26.04 8.72 9.02
C VAL C 114 25.01 7.58 9.01
N ASP C 115 23.72 7.92 8.90
CA ASP C 115 22.63 6.93 8.95
C ASP C 115 21.61 7.10 7.81
N ASP C 116 21.64 6.14 6.92
CA ASP C 116 20.76 6.10 5.80
C ASP C 116 19.29 6.02 6.19
N ASP C 117 18.99 5.49 7.39
CA ASP C 117 17.63 5.53 7.93
C ASP C 117 17.05 6.94 8.04
N LEU C 118 17.93 7.94 7.95
CA LEU C 118 17.50 9.30 8.22
C LEU C 118 17.33 10.15 6.98
N ARG C 119 17.35 9.53 5.80
CA ARG C 119 17.17 10.29 4.57
C ARG C 119 15.78 10.89 4.47
N GLU C 120 15.61 11.78 3.49
CA GLU C 120 14.32 12.43 3.24
C GLU C 120 13.41 11.36 2.59
N TRP C 121 12.10 11.53 2.75
CA TRP C 121 11.10 10.75 2.07
C TRP C 121 11.50 10.59 0.59
N GLU C 122 11.35 9.38 0.05
CA GLU C 122 11.76 9.18 -1.31
C GLU C 122 10.58 9.58 -2.19
N TYR C 123 10.76 10.66 -2.95
CA TYR C 123 9.64 11.29 -3.62
C TYR C 123 9.28 10.62 -4.90
N GLY C 124 10.15 9.71 -5.36
CA GLY C 124 9.86 8.87 -6.53
C GLY C 124 9.53 9.77 -7.69
N ASP C 125 8.40 9.50 -8.32
CA ASP C 125 7.96 10.27 -9.48
C ASP C 125 7.98 11.78 -9.24
N TYR C 126 7.83 12.21 -7.99
CA TYR C 126 7.64 13.62 -7.70
C TYR C 126 8.97 14.33 -7.47
N GLU C 127 10.07 13.61 -7.52
CA GLU C 127 11.30 14.26 -7.15
C GLU C 127 11.46 15.55 -7.96
N GLY C 128 11.76 16.65 -7.28
CA GLY C 128 12.12 17.91 -7.95
C GLY C 128 10.91 18.77 -8.24
N MSE C 129 9.73 18.21 -8.02
CA MSE C 129 8.51 18.89 -8.42
C MSE C 129 8.03 19.90 -7.39
O MSE C 129 8.60 19.99 -6.31
CB MSE C 129 7.40 17.86 -8.77
CG MSE C 129 7.80 16.82 -9.87
SE MSE C 129 6.14 16.07 -10.59
CE MSE C 129 5.09 17.54 -10.05
N LEU C 130 7.01 20.69 -7.74
CA LEU C 130 6.24 21.52 -6.79
C LEU C 130 4.93 20.83 -6.45
N THR C 131 4.35 21.18 -5.28
CA THR C 131 3.07 20.60 -4.85
C THR C 131 2.03 20.75 -5.97
N ARG C 132 1.79 21.98 -6.43
CA ARG C 132 0.79 22.22 -7.48
C ARG C 132 1.03 21.26 -8.66
N GLU C 133 2.29 21.01 -8.99
CA GLU C 133 2.67 20.18 -10.10
C GLU C 133 2.35 18.72 -9.81
N ILE C 134 2.59 18.31 -8.55
CA ILE C 134 2.28 16.94 -8.08
C ILE C 134 0.79 16.63 -8.21
N ILE C 135 -0.03 17.54 -7.70
CA ILE C 135 -1.47 17.42 -7.84
C ILE C 135 -1.91 17.30 -9.29
N GLU C 136 -1.41 18.21 -10.12
CA GLU C 136 -1.68 18.16 -11.56
C GLU C 136 -1.34 16.82 -12.18
N LEU C 137 -0.14 16.31 -11.90
CA LEU C 137 0.28 14.99 -12.38
C LEU C 137 -0.62 13.83 -11.91
N ARG C 138 -0.90 13.77 -10.62
CA ARG C 138 -1.79 12.77 -10.08
C ARG C 138 -3.20 12.85 -10.66
N LYS C 139 -3.78 14.06 -10.68
CA LYS C 139 -5.10 14.27 -11.29
C LYS C 139 -5.18 13.70 -12.72
N SER C 140 -4.17 13.98 -13.53
CA SER C 140 -4.13 13.47 -14.90
C SER C 140 -3.94 11.93 -14.97
N ARG C 141 -3.56 11.32 -13.85
CA ARG C 141 -3.47 9.86 -13.74
C ARG C 141 -4.73 9.22 -13.17
N GLY C 142 -5.78 10.02 -12.94
CA GLY C 142 -7.00 9.54 -12.31
C GLY C 142 -6.96 9.35 -10.80
N LEU C 143 -5.91 9.86 -10.15
CA LEU C 143 -5.77 9.73 -8.69
C LEU C 143 -6.52 10.82 -7.93
N ASP C 144 -6.63 10.66 -6.61
CA ASP C 144 -7.20 11.69 -5.72
C ASP C 144 -8.62 12.04 -6.12
N LYS C 145 -9.38 11.05 -6.59
CA LYS C 145 -10.71 11.30 -7.15
C LYS C 145 -11.69 11.71 -6.05
N GLU C 146 -11.54 11.10 -4.87
CA GLU C 146 -12.44 11.37 -3.76
C GLU C 146 -11.88 12.35 -2.72
N ARG C 147 -10.59 12.28 -2.40
CA ARG C 147 -9.95 13.33 -1.54
C ARG C 147 -8.56 13.76 -2.03
N PRO C 148 -8.12 14.98 -1.66
CA PRO C 148 -6.84 15.43 -2.17
C PRO C 148 -5.67 14.61 -1.66
N TRP C 149 -4.61 14.55 -2.48
CA TRP C 149 -3.37 13.90 -2.06
C TRP C 149 -2.93 14.33 -0.65
N ASN C 150 -2.38 13.39 0.10
CA ASN C 150 -1.94 13.67 1.44
C ASN C 150 -0.78 12.73 1.62
N ILE C 151 0.43 13.29 1.57
CA ILE C 151 1.63 12.47 1.59
C ILE C 151 1.76 11.57 2.83
N TRP C 152 1.38 12.08 4.00
CA TRP C 152 1.44 11.31 5.25
C TRP C 152 0.54 10.10 5.25
N ARG C 153 -0.51 10.15 4.45
CA ARG C 153 -1.38 9.01 4.28
C ARG C 153 -0.91 8.18 3.05
N ASP C 154 -0.63 8.85 1.93
CA ASP C 154 -0.49 8.22 0.59
C ASP C 154 0.90 7.85 0.15
N GLY C 155 1.90 8.56 0.67
CA GLY C 155 3.26 8.45 0.16
C GLY C 155 3.35 8.86 -1.30
N CYS C 156 4.37 8.36 -2.00
CA CYS C 156 4.72 8.83 -3.34
C CYS C 156 4.88 7.69 -4.34
N GLU C 157 4.23 7.85 -5.49
CA GLU C 157 4.38 6.96 -6.65
C GLU C 157 5.84 6.71 -7.01
N ASN C 158 6.24 5.43 -6.95
CA ASN C 158 7.64 4.99 -7.10
C ASN C 158 8.64 5.56 -6.08
N GLY C 159 8.09 6.05 -4.98
CA GLY C 159 8.88 6.42 -3.83
C GLY C 159 8.33 5.67 -2.64
N GLU C 160 8.41 6.27 -1.47
CA GLU C 160 8.10 5.58 -0.26
C GLU C 160 6.65 5.74 0.21
N THR C 161 6.15 4.71 0.87
CA THR C 161 4.83 4.78 1.50
C THR C 161 5.04 5.38 2.84
N THR C 162 3.95 5.74 3.51
CA THR C 162 4.12 6.30 4.85
C THR C 162 4.67 5.23 5.79
N GLN C 163 4.18 4.02 5.65
CA GLN C 163 4.69 2.89 6.44
C GLN C 163 6.23 2.67 6.31
N GLN C 164 6.79 2.86 5.12
CA GLN C 164 8.22 2.67 4.86
C GLN C 164 9.13 3.72 5.55
N ILE C 165 8.70 4.98 5.63
CA ILE C 165 9.46 6.01 6.32
C ILE C 165 9.17 5.92 7.81
N GLY C 166 7.94 5.53 8.18
CA GLY C 166 7.63 5.29 9.61
C GLY C 166 8.63 4.29 10.18
N LEU C 167 8.67 3.13 9.52
CA LEU C 167 9.59 2.04 9.89
C LEU C 167 11.03 2.50 10.09
N ARG C 168 11.67 2.98 9.04
CA ARG C 168 13.08 3.39 9.14
C ARG C 168 13.25 4.42 10.25
N LEU C 169 12.35 5.39 10.34
CA LEU C 169 12.51 6.41 11.35
C LEU C 169 12.37 5.83 12.75
N SER C 170 11.51 4.83 12.90
CA SER C 170 11.31 4.17 14.19
C SER C 170 12.59 3.46 14.67
N ARG C 171 13.28 2.81 13.73
CA ARG C 171 14.59 2.20 14.02
C ARG C 171 15.59 3.23 14.50
N ALA C 172 15.63 4.39 13.86
CA ALA C 172 16.63 5.33 14.26
C ALA C 172 16.31 5.84 15.65
N ILE C 173 15.01 6.02 15.94
CA ILE C 173 14.56 6.52 17.23
C ILE C 173 14.84 5.51 18.33
N ALA C 174 14.54 4.26 18.03
CA ALA C 174 14.82 3.16 18.93
C ALA C 174 16.30 3.11 19.33
N ARG C 175 17.19 3.17 18.33
CA ARG C 175 18.62 3.20 18.61
C ARG C 175 18.99 4.43 19.44
N ILE C 176 18.37 5.57 19.14
CA ILE C 176 18.71 6.81 19.86
C ILE C 176 18.25 6.75 21.30
N GLN C 177 17.06 6.21 21.52
CA GLN C 177 16.53 6.19 22.84
C GLN C 177 17.25 5.14 23.67
N ASN C 178 17.72 4.08 23.01
CA ASN C 178 18.52 3.06 23.67
C ASN C 178 19.83 3.65 24.24
N LEU C 179 20.57 4.39 23.40
CA LEU C 179 21.78 5.09 23.84
C LEU C 179 21.48 6.02 25.00
N HIS C 180 20.38 6.78 24.88
CA HIS C 180 19.94 7.66 25.97
C HIS C 180 19.81 6.90 27.29
N ARG C 181 19.06 5.81 27.24
CA ARG C 181 18.83 5.03 28.43
C ARG C 181 20.13 4.52 29.03
N LYS C 182 21.00 4.01 28.18
CA LYS C 182 22.24 3.44 28.67
C LYS C 182 23.06 4.54 29.31
N HIS C 183 23.17 5.68 28.62
CA HIS C 183 23.93 6.81 29.12
C HIS C 183 23.40 7.30 30.44
N GLN C 184 22.09 7.51 30.54
CA GLN C 184 21.49 7.96 31.80
C GLN C 184 21.75 6.93 32.91
N SER C 185 21.47 5.66 32.63
CA SER C 185 21.76 4.61 33.62
C SER C 185 23.24 4.54 34.04
N GLU C 186 24.17 4.93 33.15
CA GLU C 186 25.57 5.11 33.59
C GLU C 186 25.84 6.47 34.26
N GLY C 187 24.80 7.27 34.49
CA GLY C 187 24.95 8.54 35.22
C GLY C 187 25.46 9.72 34.41
N ARG C 188 25.48 9.56 33.08
CA ARG C 188 25.98 10.56 32.16
C ARG C 188 24.81 11.36 31.57
N ALA C 189 25.03 12.66 31.34
CA ALA C 189 24.14 13.44 30.49
C ALA C 189 24.25 12.89 29.08
N SER C 190 23.19 13.08 28.29
CA SER C 190 23.28 12.71 26.87
C SER C 190 22.45 13.55 25.86
N ASP C 191 23.13 14.47 25.21
CA ASP C 191 22.52 15.16 24.09
C ASP C 191 23.02 14.52 22.76
N ILE C 192 22.08 13.97 22.01
CA ILE C 192 22.28 13.46 20.70
C ILE C 192 21.64 14.41 19.69
N MSE C 193 22.36 14.72 18.62
CA MSE C 193 21.87 15.56 17.54
C MSE C 193 21.50 14.78 16.27
O MSE C 193 22.14 13.78 15.88
CB MSE C 193 22.88 16.67 17.21
CG MSE C 193 23.07 17.69 18.30
SE MSE C 193 24.44 19.05 17.85
CE MSE C 193 23.32 20.64 17.51
N VAL C 194 20.44 15.23 15.61
CA VAL C 194 20.08 14.63 14.35
C VAL C 194 19.99 15.72 13.31
N PHE C 195 20.81 15.62 12.27
CA PHE C 195 20.73 16.57 11.14
C PHE C 195 20.13 15.85 9.93
N ALA C 196 18.97 16.31 9.49
CA ALA C 196 18.21 15.59 8.47
C ALA C 196 17.28 16.54 7.73
N HIS C 197 16.07 16.09 7.40
CA HIS C 197 15.23 16.84 6.44
C HIS C 197 13.86 17.24 6.92
N GLY C 198 13.19 18.05 6.09
CA GLY C 198 11.93 18.68 6.41
C GLY C 198 10.82 17.65 6.67
N HIS C 199 10.55 16.77 5.70
CA HIS C 199 9.54 15.75 5.99
C HIS C 199 10.02 14.76 7.06
N ALA C 200 11.19 14.18 6.82
CA ALA C 200 11.68 13.17 7.76
C ALA C 200 11.68 13.63 9.24
N LEU C 201 12.01 14.92 9.50
CA LEU C 201 12.22 15.32 10.88
C LEU C 201 10.84 15.60 11.55
N ARG C 202 9.96 16.34 10.88
CA ARG C 202 8.58 16.49 11.33
C ARG C 202 8.04 15.08 11.65
N TYR C 203 8.26 14.14 10.72
CA TYR C 203 7.81 12.75 10.91
C TYR C 203 8.40 12.17 12.19
N PHE C 204 9.71 12.40 12.38
CA PHE C 204 10.49 11.88 13.47
C PHE C 204 9.92 12.41 14.81
N ALA C 205 9.63 13.70 14.84
CA ALA C 205 9.12 14.38 16.03
C ALA C 205 7.74 13.83 16.33
N ALA C 206 7.03 13.53 15.25
CA ALA C 206 5.64 13.18 15.40
C ALA C 206 5.57 11.87 16.15
N ILE C 207 6.34 10.87 15.68
CA ILE C 207 6.35 9.58 16.37
C ILE C 207 7.05 9.61 17.71
N TRP C 208 8.08 10.45 17.84
CA TRP C 208 8.79 10.58 19.10
C TRP C 208 7.76 10.69 20.21
N PHE C 209 6.87 11.67 20.10
CA PHE C 209 5.92 11.84 21.19
C PHE C 209 4.54 11.16 21.05
N GLY C 210 4.32 10.26 20.10
CA GLY C 210 3.13 9.41 20.16
C GLY C 210 2.02 9.51 19.11
N LEU C 211 2.20 10.42 18.15
CA LEU C 211 1.26 10.59 17.07
C LEU C 211 1.29 9.38 16.15
N GLY C 212 0.24 9.21 15.34
CA GLY C 212 0.16 8.16 14.32
C GLY C 212 -0.21 6.83 14.92
N VAL C 213 0.07 5.72 14.23
CA VAL C 213 -0.38 4.40 14.70
C VAL C 213 0.74 3.35 14.89
N GLN C 214 0.57 2.53 15.93
CA GLN C 214 1.42 1.37 16.21
C GLN C 214 1.11 0.19 15.28
N LYS C 215 2.15 -0.36 14.65
CA LYS C 215 1.97 -1.55 13.83
C LYS C 215 3.06 -2.54 14.13
N LYS C 216 2.69 -3.81 14.24
CA LYS C 216 3.66 -4.91 14.45
C LYS C 216 4.54 -5.13 13.23
N CYS C 217 5.76 -5.58 13.46
CA CYS C 217 6.69 -5.90 12.38
C CYS C 217 6.43 -7.31 11.91
N GLU C 218 5.89 -7.43 10.71
CA GLU C 218 5.57 -8.77 10.22
C GLU C 218 6.14 -9.15 8.87
N THR C 219 6.09 -8.25 7.88
CA THR C 219 6.68 -8.51 6.57
C THR C 219 8.21 -8.62 6.64
N ILE C 220 8.83 -9.09 5.56
CA ILE C 220 10.28 -9.29 5.54
C ILE C 220 11.03 -7.97 5.75
N GLU C 221 10.57 -6.90 5.11
CA GLU C 221 11.17 -5.54 5.29
C GLU C 221 11.04 -5.09 6.72
N GLU C 222 9.86 -5.33 7.29
CA GLU C 222 9.51 -4.89 8.63
C GLU C 222 10.36 -5.53 9.76
N ILE C 223 11.14 -6.55 9.41
CA ILE C 223 11.87 -7.39 10.40
C ILE C 223 13.40 -7.32 10.23
N GLN C 224 13.83 -7.13 8.98
CA GLN C 224 15.25 -7.24 8.59
C GLN C 224 16.13 -6.07 9.01
N ASN C 225 17.42 -6.36 9.16
CA ASN C 225 18.42 -5.34 9.39
C ASN C 225 18.97 -4.82 8.06
N VAL C 226 18.49 -3.66 7.63
CA VAL C 226 18.85 -3.13 6.33
C VAL C 226 20.29 -2.60 6.28
N LYS C 227 20.95 -2.60 7.44
CA LYS C 227 22.29 -2.06 7.66
C LYS C 227 22.43 -0.69 7.00
N SER C 228 21.89 0.32 7.69
CA SER C 228 21.76 1.68 7.19
C SER C 228 22.85 2.61 7.74
N TYR C 229 23.62 2.14 8.70
CA TYR C 229 24.80 2.87 9.18
C TYR C 229 25.87 1.88 9.45
N ASP C 230 27.07 2.38 9.62
CA ASP C 230 28.20 1.54 9.95
C ASP C 230 28.99 2.12 11.13
N ASP C 231 28.58 1.77 12.36
CA ASP C 231 29.30 2.19 13.57
C ASP C 231 28.95 1.25 14.74
N ASP C 232 29.92 0.39 15.06
CA ASP C 232 29.76 -0.69 16.04
C ASP C 232 29.34 -0.22 17.44
N THR C 233 29.60 1.04 17.75
CA THR C 233 29.26 1.60 19.04
C THR C 233 27.81 2.06 19.12
N VAL C 234 27.12 2.05 17.99
CA VAL C 234 25.67 2.18 18.08
C VAL C 234 25.01 0.79 18.03
N PRO C 235 24.49 0.31 19.18
CA PRO C 235 23.72 -0.95 19.09
C PRO C 235 22.55 -0.90 18.08
N TYR C 236 22.31 -2.00 17.37
CA TYR C 236 21.09 -2.12 16.61
C TYR C 236 19.92 -2.53 17.52
N VAL C 237 18.78 -1.87 17.35
CA VAL C 237 17.61 -2.33 18.08
C VAL C 237 16.62 -3.00 17.14
N LYS C 238 16.38 -4.30 17.38
CA LYS C 238 15.41 -5.10 16.59
C LYS C 238 14.00 -4.87 17.14
N LEU C 239 13.20 -4.15 16.37
CA LEU C 239 11.88 -3.72 16.82
C LEU C 239 10.83 -4.83 16.80
N GLU C 240 9.98 -4.82 17.81
CA GLU C 240 8.83 -5.72 17.80
C GLU C 240 7.69 -5.13 16.98
N SER C 241 7.55 -3.83 17.11
CA SER C 241 6.52 -3.04 16.45
C SER C 241 7.15 -1.73 16.07
N TYR C 242 6.44 -0.92 15.28
CA TYR C 242 6.93 0.41 14.92
C TYR C 242 5.80 1.39 14.79
N ARG C 243 6.13 2.65 14.53
CA ARG C 243 5.13 3.63 14.23
C ARG C 243 5.22 4.24 12.85
N HIS C 244 4.05 4.57 12.31
CA HIS C 244 3.93 5.38 11.11
C HIS C 244 2.73 6.32 11.35
N LEU C 245 2.65 7.38 10.54
CA LEU C 245 1.54 8.34 10.62
C LEU C 245 0.52 7.94 9.58
N VAL C 246 -0.64 8.55 9.68
CA VAL C 246 -1.68 8.37 8.69
C VAL C 246 -2.18 9.76 8.30
N ASP C 247 -1.61 10.78 8.94
CA ASP C 247 -1.98 12.14 8.62
C ASP C 247 -0.95 13.20 9.01
N ASN C 248 -1.24 14.45 8.64
CA ASN C 248 -0.34 15.54 8.83
C ASN C 248 -0.15 15.75 10.33
N PRO C 249 1.10 15.66 10.82
CA PRO C 249 1.29 16.03 12.24
C PRO C 249 1.14 17.54 12.57
N CYS C 250 1.24 18.39 11.55
CA CYS C 250 1.12 19.87 11.65
C CYS C 250 2.27 20.54 12.32
N PHE C 251 3.49 20.08 12.01
CA PHE C 251 4.71 20.72 12.44
C PHE C 251 5.13 21.71 11.33
N LEU C 252 5.72 22.83 11.70
CA LEU C 252 6.36 23.68 10.74
C LEU C 252 7.89 23.56 10.95
N LEU C 253 8.67 23.43 9.86
CA LEU C 253 10.09 23.24 9.97
C LEU C 253 10.83 23.79 8.77
N ASP C 254 11.29 25.01 8.90
CA ASP C 254 12.12 25.66 7.91
C ASP C 254 13.51 25.03 7.84
N ALA C 255 14.23 25.35 6.77
CA ALA C 255 15.66 25.02 6.67
C ALA C 255 16.35 25.67 7.88
N GLY C 256 17.21 24.90 8.53
CA GLY C 256 17.81 25.37 9.77
C GLY C 256 16.92 25.39 11.02
N GLY C 257 15.67 24.93 10.89
CA GLY C 257 14.78 24.82 12.06
C GLY C 257 15.34 23.76 12.99
N ILE C 258 14.97 23.87 14.25
CA ILE C 258 15.46 23.02 15.30
C ILE C 258 14.30 22.59 16.13
N GLY C 259 14.30 21.34 16.49
CA GLY C 259 13.36 20.85 17.49
C GLY C 259 14.12 20.11 18.57
N VAL C 260 13.51 20.11 19.75
CA VAL C 260 14.09 19.55 20.95
C VAL C 260 13.15 18.50 21.45
N LEU C 261 13.59 17.25 21.32
CA LEU C 261 12.83 16.08 21.79
C LEU C 261 13.48 15.56 23.08
N SER C 262 12.67 15.01 23.98
CA SER C 262 13.16 14.65 25.30
C SER C 262 12.17 13.74 26.09
N TYR C 263 12.06 13.93 27.41
CA TYR C 263 11.31 12.98 28.23
C TYR C 263 10.68 13.64 29.40
N ALA C 264 9.51 13.15 29.78
CA ALA C 264 8.84 13.60 31.00
C ALA C 264 9.47 12.87 32.14
N HIS C 265 9.56 13.57 33.27
CA HIS C 265 9.88 12.96 34.56
C HIS C 265 11.19 12.18 34.57
N HIS C 266 12.10 12.60 33.69
CA HIS C 266 13.42 12.01 33.52
C HIS C 266 13.29 10.54 33.17
N ASN C 267 12.11 10.14 32.71
CA ASN C 267 11.87 8.76 32.38
C ASN C 267 11.93 8.55 30.87
N ILE C 268 12.98 7.85 30.45
CA ILE C 268 13.16 7.54 29.04
C ILE C 268 11.98 6.71 28.46
N ASP C 269 11.14 6.13 29.32
CA ASP C 269 9.87 5.53 28.85
C ASP C 269 8.78 6.54 28.48
N GLU C 270 8.92 7.82 28.84
CA GLU C 270 7.87 8.81 28.57
C GLU C 270 8.38 9.84 27.58
N PRO C 271 8.61 9.44 26.31
CA PRO C 271 9.12 10.44 25.35
C PRO C 271 8.19 11.63 25.23
N ALA C 272 8.78 12.79 25.07
CA ALA C 272 8.06 14.08 25.04
C ALA C 272 8.72 15.03 24.04
N LEU C 273 7.96 15.97 23.52
CA LEU C 273 8.55 17.06 22.80
C LEU C 273 8.73 18.15 23.80
N GLU C 274 9.92 18.75 23.83
CA GLU C 274 10.19 19.89 24.66
C GLU C 274 9.91 21.25 23.95
N LEU C 275 9.21 22.11 24.65
CA LEU C 275 9.07 23.50 24.28
C LEU C 275 10.23 24.14 25.03
N ALA C 276 11.36 24.21 24.36
CA ALA C 276 12.60 24.58 25.02
C ALA C 276 12.85 26.07 24.95
N GLY C 277 13.08 26.66 26.09
CA GLY C 277 13.68 27.99 26.10
C GLY C 277 15.19 28.03 25.78
N PRO C 278 15.78 29.25 25.83
CA PRO C 278 17.19 29.38 25.46
C PRO C 278 18.14 28.63 26.41
N PHE C 279 17.73 28.30 27.63
CA PHE C 279 18.59 27.45 28.45
C PHE C 279 17.96 26.45 29.38
N VAL C 280 18.64 25.32 29.51
CA VAL C 280 18.25 24.23 30.39
C VAL C 280 18.57 24.51 31.84
N SER C 281 17.65 24.15 32.72
CA SER C 281 17.88 24.29 34.15
C SER C 281 18.46 23.01 34.68
N PRO C 282 19.39 23.13 35.64
CA PRO C 282 19.92 21.95 36.35
C PRO C 282 18.76 21.27 37.06
N PRO C 283 18.82 19.93 37.25
CA PRO C 283 17.72 19.16 37.88
C PRO C 283 17.24 19.83 39.13
N GLU C 284 18.17 20.37 39.91
CA GLU C 284 17.87 21.02 41.18
C GLU C 284 17.02 22.26 41.05
N GLU C 285 17.00 22.84 39.85
CA GLU C 285 16.22 24.06 39.57
C GLU C 285 15.06 23.84 38.63
N GLU C 286 14.93 22.62 38.09
CA GLU C 286 13.82 22.34 37.19
C GLU C 286 12.42 22.48 37.84
N SER C 287 11.41 22.81 37.02
CA SER C 287 10.04 22.94 37.50
C SER C 287 9.14 21.92 36.78
N GLN C 288 8.98 20.76 37.42
CA GLN C 288 8.15 19.68 36.91
C GLN C 288 7.46 18.94 38.06
N HIS C 289 6.21 18.56 37.82
CA HIS C 289 5.47 17.75 38.77
C HIS C 289 6.04 16.33 38.77
N GLY C 290 5.86 15.60 39.86
CA GLY C 290 6.29 14.23 39.95
C GLY C 290 5.47 13.38 38.97
N ASP C 291 5.97 12.20 38.67
CA ASP C 291 5.26 11.22 37.89
C ASP C 291 4.10 10.52 38.61
N VAL C 292 3.29 9.85 37.80
CA VAL C 292 2.40 8.72 38.16
C VAL C 292 0.93 9.17 38.03
N SER D 24 5.29 39.54 3.34
CA SER D 24 4.89 39.69 4.79
C SER D 24 5.18 38.41 5.58
N LEU D 25 5.62 38.52 6.84
CA LEU D 25 6.07 37.34 7.64
C LEU D 25 4.89 36.53 8.17
N THR D 26 5.10 35.23 8.33
CA THR D 26 4.05 34.39 8.89
C THR D 26 3.88 34.74 10.37
N PRO D 27 2.65 35.01 10.80
CA PRO D 27 2.42 35.32 12.21
C PRO D 27 2.73 34.16 13.17
N ARG D 28 3.09 34.50 14.40
CA ARG D 28 3.41 33.50 15.42
C ARG D 28 2.77 33.89 16.73
N CYS D 29 2.43 32.85 17.48
CA CYS D 29 2.04 33.03 18.86
C CYS D 29 3.11 32.26 19.57
N ILE D 30 3.90 33.01 20.35
CA ILE D 30 5.07 32.55 21.08
C ILE D 30 4.68 32.40 22.54
N ILE D 31 4.70 31.19 23.05
CA ILE D 31 4.12 30.95 24.38
C ILE D 31 5.25 30.70 25.34
N VAL D 32 5.14 31.27 26.55
CA VAL D 32 6.22 31.26 27.49
C VAL D 32 5.71 30.94 28.87
N ARG D 33 6.27 29.98 29.57
CA ARG D 33 5.89 29.71 30.94
C ARG D 33 6.62 30.72 31.83
N HIS D 34 5.93 31.14 32.90
CA HIS D 34 6.51 32.07 33.86
C HIS D 34 7.82 31.53 34.39
N GLY D 35 8.71 32.42 34.86
CA GLY D 35 9.90 31.99 35.59
C GLY D 35 9.57 31.14 36.85
N GLN D 36 10.63 30.65 37.48
CA GLN D 36 10.56 29.74 38.60
C GLN D 36 9.93 30.38 39.81
N THR D 37 9.00 29.67 40.43
CA THR D 37 8.49 30.04 41.75
C THR D 37 8.89 28.99 42.77
N GLU D 38 8.70 29.25 44.04
CA GLU D 38 9.03 28.28 45.05
C GLU D 38 8.29 26.95 44.87
N TRP D 39 6.97 27.00 44.69
CA TRP D 39 6.23 25.76 44.52
C TRP D 39 6.59 25.06 43.23
N SER D 40 6.81 25.82 42.14
CA SER D 40 7.11 25.19 40.85
C SER D 40 8.41 24.39 40.91
N LYS D 41 9.43 24.94 41.56
CA LYS D 41 10.72 24.29 41.74
C LYS D 41 10.65 22.98 42.54
N SER D 42 9.66 22.84 43.41
CA SER D 42 9.56 21.71 44.33
C SER D 42 8.56 20.66 43.84
N GLY D 43 7.91 20.94 42.71
CA GLY D 43 6.95 19.98 42.10
C GLY D 43 5.47 20.13 42.48
N GLN D 44 5.13 21.20 43.20
CA GLN D 44 3.81 21.35 43.75
C GLN D 44 2.94 21.96 42.66
N TYR D 45 1.64 21.67 42.70
CA TYR D 45 0.69 22.21 41.77
C TYR D 45 0.30 23.64 42.19
N THR D 46 0.72 24.62 41.40
CA THR D 46 0.44 26.01 41.67
C THR D 46 -0.63 26.41 40.71
N GLY D 47 -1.85 26.65 41.17
CA GLY D 47 -2.93 27.16 40.30
C GLY D 47 -3.26 28.62 40.57
N LEU D 48 -4.36 28.86 41.25
CA LEU D 48 -4.73 30.22 41.62
C LEU D 48 -3.85 30.83 42.73
N THR D 49 -3.07 30.03 43.47
CA THR D 49 -2.18 30.68 44.46
C THR D 49 -1.27 31.68 43.77
N ASP D 50 -1.23 32.90 44.23
CA ASP D 50 -0.48 33.93 43.52
C ASP D 50 1.02 34.10 43.89
N LEU D 51 1.80 33.04 43.82
CA LEU D 51 3.22 33.12 44.20
C LEU D 51 4.04 34.05 43.30
N PRO D 52 5.07 34.69 43.90
CA PRO D 52 6.05 35.44 43.12
C PRO D 52 7.16 34.54 42.58
N LEU D 53 7.86 35.05 41.58
CA LEU D 53 9.09 34.39 41.16
C LEU D 53 10.11 34.37 42.30
N THR D 54 10.86 33.28 42.38
CA THR D 54 11.98 33.24 43.29
C THR D 54 13.02 34.10 42.67
N PRO D 55 14.04 34.48 43.47
CA PRO D 55 15.16 35.23 42.90
C PRO D 55 15.74 34.50 41.69
N TYR D 56 15.98 33.20 41.82
CA TYR D 56 16.50 32.45 40.67
C TYR D 56 15.65 32.64 39.43
N GLY D 57 14.33 32.62 39.62
CA GLY D 57 13.37 32.80 38.54
C GLY D 57 13.50 34.11 37.81
N GLU D 58 13.78 35.17 38.56
CA GLU D 58 13.88 36.50 37.99
C GLU D 58 15.06 36.55 37.06
N GLY D 59 16.20 36.14 37.58
CA GLY D 59 17.39 36.17 36.79
C GLY D 59 17.18 35.30 35.57
N GLN D 60 16.42 34.23 35.76
CA GLN D 60 16.13 33.26 34.71
C GLN D 60 15.30 33.89 33.57
N MSE D 61 14.37 34.82 33.88
CA MSE D 61 13.61 35.52 32.83
C MSE D 61 14.30 36.77 32.30
O MSE D 61 14.08 37.17 31.13
CB MSE D 61 12.19 35.87 33.25
CG MSE D 61 11.28 34.71 33.63
SE MSE D 61 11.73 33.05 32.74
CE MSE D 61 10.48 33.20 31.25
N LEU D 62 15.13 37.40 33.11
CA LEU D 62 15.93 38.51 32.62
C LEU D 62 16.86 38.03 31.51
N ARG D 63 17.49 36.88 31.73
CA ARG D 63 18.38 36.25 30.77
C ARG D 63 17.59 35.71 29.56
N THR D 64 16.38 35.21 29.78
CA THR D 64 15.56 34.82 28.66
C THR D 64 15.27 36.00 27.73
N GLY D 65 14.86 37.13 28.29
CA GLY D 65 14.44 38.21 27.43
C GLY D 65 15.63 38.65 26.62
N GLU D 66 16.77 38.74 27.30
CA GLU D 66 17.98 39.18 26.64
C GLU D 66 18.30 38.29 25.47
N SER D 67 18.10 37.00 25.67
CA SER D 67 18.51 36.03 24.71
C SER D 67 17.51 36.02 23.55
N VAL D 68 16.22 36.27 23.83
CA VAL D 68 15.23 36.29 22.74
C VAL D 68 15.21 37.59 21.95
N PHE D 69 15.72 38.68 22.51
CA PHE D 69 15.73 39.93 21.75
C PHE D 69 17.09 40.24 21.18
N ARG D 70 18.08 39.45 21.58
CA ARG D 70 19.42 39.61 21.05
C ARG D 70 19.40 39.76 19.52
N ASN D 71 19.90 40.90 19.08
CA ASN D 71 20.05 41.23 17.66
C ASN D 71 18.83 41.08 16.74
N ASN D 72 17.63 40.95 17.31
CA ASN D 72 16.39 40.94 16.51
C ASN D 72 16.24 39.79 15.55
N GLN D 73 17.04 38.76 15.77
CA GLN D 73 16.96 37.58 14.92
C GLN D 73 15.79 36.63 15.23
N PHE D 74 15.56 36.34 16.51
CA PHE D 74 14.45 35.47 16.88
C PHE D 74 13.16 36.24 16.98
N LEU D 75 13.22 37.39 17.64
CA LEU D 75 12.03 38.16 17.91
C LEU D 75 12.38 39.63 17.71
N ASN D 76 11.68 40.29 16.80
CA ASN D 76 11.94 41.70 16.57
C ASN D 76 10.78 42.44 17.14
N PRO D 77 11.04 43.30 18.14
CA PRO D 77 9.95 44.04 18.81
C PRO D 77 9.03 44.79 17.85
N ASP D 78 9.54 45.31 16.74
CA ASP D 78 8.68 45.94 15.71
C ASP D 78 7.55 45.04 15.19
N ASN D 79 7.75 43.73 15.21
CA ASN D 79 6.80 42.79 14.69
C ASN D 79 5.82 42.29 15.76
N ILE D 80 6.04 42.67 17.03
CA ILE D 80 5.10 42.30 18.10
C ILE D 80 3.89 43.23 18.13
N THR D 81 2.71 42.63 18.07
CA THR D 81 1.49 43.36 18.20
C THR D 81 0.90 43.22 19.61
N TYR D 82 0.63 42.01 20.04
CA TYR D 82 -0.01 41.76 21.34
C TYR D 82 0.81 40.84 22.22
N ILE D 83 0.70 41.08 23.52
CA ILE D 83 1.29 40.20 24.52
C ILE D 83 0.14 39.90 25.45
N PHE D 84 -0.18 38.61 25.55
CA PHE D 84 -1.17 38.16 26.52
C PHE D 84 -0.51 37.59 27.75
N THR D 85 -1.17 37.81 28.88
CA THR D 85 -0.71 37.28 30.14
C THR D 85 -1.83 36.81 31.05
N SER D 86 -1.60 35.67 31.69
CA SER D 86 -2.40 35.16 32.80
C SER D 86 -2.44 36.28 33.80
N PRO D 87 -3.49 36.35 34.62
CA PRO D 87 -3.46 37.38 35.64
C PRO D 87 -2.50 37.08 36.78
N ARG D 88 -2.04 35.85 36.92
CA ARG D 88 -1.12 35.52 37.99
C ARG D 88 0.11 36.43 38.10
N LEU D 89 0.53 36.75 39.31
CA LEU D 89 1.73 37.57 39.54
C LEU D 89 2.93 37.03 38.81
N ARG D 90 3.23 35.74 39.03
CA ARG D 90 4.38 35.12 38.40
C ARG D 90 4.43 35.33 36.86
N ALA D 91 3.26 35.37 36.23
CA ALA D 91 3.22 35.54 34.77
C ALA D 91 3.53 36.98 34.44
N ARG D 92 2.91 37.89 35.19
CA ARG D 92 3.09 39.29 34.93
C ARG D 92 4.56 39.68 35.19
N GLN D 93 5.12 39.18 36.27
CA GLN D 93 6.49 39.50 36.60
C GLN D 93 7.34 39.11 35.41
N THR D 94 7.03 37.96 34.84
CA THR D 94 7.83 37.43 33.77
C THR D 94 7.76 38.37 32.55
N VAL D 95 6.58 38.87 32.22
CA VAL D 95 6.45 39.87 31.13
C VAL D 95 7.42 41.05 31.29
N ASP D 96 7.45 41.63 32.49
CA ASP D 96 8.32 42.76 32.71
C ASP D 96 9.76 42.41 32.42
N LEU D 97 10.18 41.26 32.95
CA LEU D 97 11.56 40.88 32.93
C LEU D 97 12.03 40.50 31.55
N VAL D 98 11.14 39.89 30.80
CA VAL D 98 11.47 39.42 29.45
C VAL D 98 11.55 40.60 28.49
N LEU D 99 10.78 41.65 28.76
CA LEU D 99 10.74 42.87 27.94
C LEU D 99 11.73 43.94 28.38
N LYS D 100 12.55 43.66 29.38
CA LYS D 100 13.55 44.64 29.81
C LYS D 100 14.40 45.24 28.68
N PRO D 101 14.88 44.41 27.73
CA PRO D 101 15.69 44.94 26.62
C PRO D 101 15.01 45.97 25.65
N LEU D 102 13.70 46.11 25.74
CA LEU D 102 13.02 47.03 24.85
C LEU D 102 13.13 48.48 25.29
N SER D 103 13.09 49.37 24.30
CA SER D 103 13.02 50.81 24.52
C SER D 103 11.58 51.23 24.77
N ASP D 104 11.39 52.43 25.31
CA ASP D 104 10.06 52.93 25.52
C ASP D 104 9.27 53.05 24.22
N GLU D 105 9.90 53.59 23.19
CA GLU D 105 9.28 53.67 21.88
C GLU D 105 8.81 52.27 21.45
N GLN D 106 9.68 51.27 21.61
CA GLN D 106 9.33 49.90 21.27
C GLN D 106 8.16 49.38 22.08
N ARG D 107 8.14 49.65 23.40
CA ARG D 107 7.03 49.25 24.30
C ARG D 107 5.72 49.99 24.03
N ALA D 108 5.80 51.20 23.46
CA ALA D 108 4.62 51.99 23.13
C ALA D 108 3.77 51.28 22.07
N LYS D 109 4.46 50.73 21.10
CA LYS D 109 3.83 50.05 19.98
C LYS D 109 3.23 48.71 20.33
N ILE D 110 3.35 48.25 21.59
CA ILE D 110 2.93 46.89 21.97
C ILE D 110 1.88 46.94 23.04
N ARG D 111 0.84 46.12 22.83
CA ARG D 111 -0.35 46.06 23.69
C ARG D 111 -0.32 44.78 24.54
N VAL D 112 -0.46 44.97 25.85
CA VAL D 112 -0.38 43.89 26.76
C VAL D 112 -1.75 43.75 27.31
N VAL D 113 -2.31 42.55 27.25
CA VAL D 113 -3.67 42.30 27.71
C VAL D 113 -3.65 41.24 28.79
N VAL D 114 -4.13 41.57 29.98
CA VAL D 114 -4.34 40.55 31.01
C VAL D 114 -5.63 39.75 30.64
N ASP D 115 -5.51 38.42 30.58
CA ASP D 115 -6.64 37.52 30.23
C ASP D 115 -6.81 36.34 31.16
N ASP D 116 -7.91 36.37 31.90
CA ASP D 116 -8.18 35.38 32.94
C ASP D 116 -8.36 34.00 32.31
N ASP D 117 -8.68 34.00 31.01
CA ASP D 117 -8.83 32.74 30.28
C ASP D 117 -7.54 31.98 30.24
N LEU D 118 -6.43 32.67 30.57
CA LEU D 118 -5.12 32.06 30.48
C LEU D 118 -4.56 31.51 31.81
N ARG D 119 -5.34 31.50 32.88
CA ARG D 119 -4.82 31.03 34.17
C ARG D 119 -4.44 29.56 34.14
N GLU D 120 -3.70 29.12 35.15
CA GLU D 120 -3.39 27.69 35.28
C GLU D 120 -4.67 26.91 35.58
N TRP D 121 -4.63 25.61 35.28
CA TRP D 121 -5.66 24.66 35.64
C TRP D 121 -6.05 24.94 37.11
N GLU D 122 -7.35 24.95 37.44
CA GLU D 122 -7.72 25.17 38.84
C GLU D 122 -7.58 23.82 39.50
N TYR D 123 -6.61 23.75 40.42
CA TYR D 123 -6.28 22.46 41.04
C TYR D 123 -7.26 22.05 42.11
N GLY D 124 -8.09 22.98 42.56
CA GLY D 124 -9.10 22.69 43.61
C GLY D 124 -8.47 22.05 44.83
N ASP D 125 -8.98 20.87 45.18
CA ASP D 125 -8.49 20.18 46.38
C ASP D 125 -6.99 19.95 46.36
N TYR D 126 -6.41 19.94 45.17
CA TYR D 126 -5.03 19.55 45.04
C TYR D 126 -4.07 20.74 45.06
N GLU D 127 -4.62 21.94 45.21
CA GLU D 127 -3.78 23.09 45.19
C GLU D 127 -2.67 22.86 46.18
N GLY D 128 -1.42 22.99 45.74
CA GLY D 128 -0.28 23.06 46.64
C GLY D 128 0.38 21.73 46.78
N MSE D 129 -0.29 20.71 46.28
CA MSE D 129 0.14 19.37 46.57
C MSE D 129 1.20 18.85 45.60
O MSE D 129 1.52 19.51 44.64
CB MSE D 129 -1.04 18.41 46.63
CG MSE D 129 -1.84 18.46 47.92
SE MSE D 129 -3.34 17.21 47.76
CE MSE D 129 -2.59 15.92 46.68
N LEU D 130 1.76 17.69 45.94
CA LEU D 130 2.62 16.90 45.03
C LEU D 130 1.79 15.77 44.36
N THR D 131 2.22 15.38 43.17
CA THR D 131 1.62 14.26 42.49
C THR D 131 1.39 13.09 43.46
N ARG D 132 2.48 12.61 44.07
CA ARG D 132 2.40 11.42 44.97
C ARG D 132 1.28 11.62 46.03
N GLU D 133 1.13 12.84 46.55
CA GLU D 133 0.10 13.12 47.55
C GLU D 133 -1.31 13.16 46.96
N ILE D 134 -1.42 13.70 45.75
CA ILE D 134 -2.73 13.69 45.01
C ILE D 134 -3.23 12.27 44.83
N ILE D 135 -2.37 11.38 44.34
CA ILE D 135 -2.70 9.95 44.20
C ILE D 135 -3.09 9.35 45.53
N GLU D 136 -2.27 9.58 46.55
CA GLU D 136 -2.57 9.11 47.91
C GLU D 136 -3.97 9.55 48.37
N LEU D 137 -4.27 10.85 48.20
CA LEU D 137 -5.56 11.42 48.59
C LEU D 137 -6.76 10.81 47.87
N ARG D 138 -6.65 10.72 46.56
CA ARG D 138 -7.67 10.09 45.74
C ARG D 138 -7.87 8.62 46.08
N LYS D 139 -6.78 7.86 46.24
CA LYS D 139 -6.84 6.45 46.66
C LYS D 139 -7.66 6.29 47.96
N SER D 140 -7.39 7.13 48.94
CA SER D 140 -8.11 7.13 50.22
C SER D 140 -9.58 7.54 50.07
N ARG D 141 -9.92 8.11 48.91
CA ARG D 141 -11.32 8.46 48.61
C ARG D 141 -12.05 7.40 47.75
N GLY D 142 -11.38 6.28 47.43
CA GLY D 142 -11.96 5.26 46.57
C GLY D 142 -11.86 5.49 45.06
N LEU D 143 -11.14 6.54 44.66
CA LEU D 143 -10.97 6.93 43.25
C LEU D 143 -9.88 6.13 42.55
N ASP D 144 -9.84 6.23 41.22
CA ASP D 144 -8.78 5.61 40.40
C ASP D 144 -8.68 4.12 40.63
N LYS D 145 -9.83 3.48 40.83
CA LYS D 145 -9.81 2.06 41.22
C LYS D 145 -9.48 1.16 40.03
N GLU D 146 -9.83 1.58 38.82
CA GLU D 146 -9.48 0.80 37.62
C GLU D 146 -8.27 1.32 36.84
N ARG D 147 -8.08 2.63 36.79
CA ARG D 147 -6.93 3.20 36.10
C ARG D 147 -6.37 4.35 36.91
N PRO D 148 -5.07 4.65 36.77
CA PRO D 148 -4.46 5.75 37.51
C PRO D 148 -4.97 7.12 37.08
N TRP D 149 -5.08 8.06 38.02
CA TRP D 149 -5.53 9.42 37.74
C TRP D 149 -4.78 10.03 36.56
N ASN D 150 -5.49 10.79 35.75
CA ASN D 150 -4.92 11.40 34.57
C ASN D 150 -5.63 12.70 34.44
N ILE D 151 -4.96 13.75 34.85
CA ILE D 151 -5.55 15.06 34.88
C ILE D 151 -6.20 15.46 33.55
N TRP D 152 -5.55 15.18 32.42
CA TRP D 152 -6.03 15.60 31.11
C TRP D 152 -7.36 14.95 30.76
N ARG D 153 -7.60 13.81 31.39
CA ARG D 153 -8.89 13.16 31.21
C ARG D 153 -9.82 13.55 32.37
N ASP D 154 -9.30 13.49 33.61
CA ASP D 154 -10.15 13.53 34.83
C ASP D 154 -10.34 14.90 35.49
N GLY D 155 -9.43 15.83 35.25
CA GLY D 155 -9.47 17.11 35.97
C GLY D 155 -9.21 16.95 37.45
N CYS D 156 -9.66 17.92 38.26
CA CYS D 156 -9.39 17.94 39.69
C CYS D 156 -10.62 18.24 40.52
N GLU D 157 -10.77 17.43 41.58
CA GLU D 157 -11.87 17.57 42.54
C GLU D 157 -11.93 19.00 43.07
N ASN D 158 -13.10 19.63 42.97
CA ASN D 158 -13.29 21.05 43.28
C ASN D 158 -12.48 22.07 42.48
N GLY D 159 -11.94 21.60 41.38
CA GLY D 159 -11.23 22.45 40.44
C GLY D 159 -11.83 22.19 39.07
N GLU D 160 -11.06 22.41 38.04
CA GLU D 160 -11.59 22.32 36.69
C GLU D 160 -11.57 20.92 36.04
N THR D 161 -12.55 20.70 35.17
CA THR D 161 -12.54 19.47 34.37
C THR D 161 -11.75 19.79 33.13
N THR D 162 -11.36 18.76 32.39
CA THR D 162 -10.60 18.98 31.18
C THR D 162 -11.41 19.86 30.20
N GLN D 163 -12.72 19.62 30.11
CA GLN D 163 -13.60 20.39 29.24
C GLN D 163 -13.64 21.89 29.58
N GLN D 164 -13.57 22.22 30.86
CA GLN D 164 -13.61 23.61 31.30
C GLN D 164 -12.39 24.40 30.86
N ILE D 165 -11.20 23.81 31.00
CA ILE D 165 -9.96 24.46 30.62
C ILE D 165 -9.74 24.43 29.09
N GLY D 166 -10.19 23.36 28.44
CA GLY D 166 -10.19 23.35 26.97
C GLY D 166 -11.00 24.52 26.43
N LEU D 167 -12.23 24.63 26.92
CA LEU D 167 -13.10 25.74 26.56
C LEU D 167 -12.38 27.10 26.63
N ARG D 168 -11.97 27.53 27.83
CA ARG D 168 -11.40 28.88 27.95
C ARG D 168 -10.15 29.07 27.10
N LEU D 169 -9.34 28.03 26.98
CA LEU D 169 -8.14 28.12 26.17
C LEU D 169 -8.50 28.31 24.71
N SER D 170 -9.58 27.66 24.28
CA SER D 170 -10.09 27.76 22.91
C SER D 170 -10.48 29.20 22.55
N ARG D 171 -11.28 29.80 23.42
CA ARG D 171 -11.59 31.21 23.32
C ARG D 171 -10.34 32.08 23.20
N ALA D 172 -9.33 31.78 23.98
CA ALA D 172 -8.19 32.62 23.91
C ALA D 172 -7.54 32.42 22.53
N ILE D 173 -7.42 31.16 22.10
CA ILE D 173 -6.78 30.89 20.83
C ILE D 173 -7.52 31.55 19.72
N ALA D 174 -8.83 31.46 19.75
CA ALA D 174 -9.63 31.95 18.64
C ALA D 174 -9.44 33.46 18.53
N ARG D 175 -9.45 34.14 19.69
CA ARG D 175 -9.10 35.56 19.78
C ARG D 175 -7.77 35.87 19.09
N ILE D 176 -6.78 35.04 19.41
CA ILE D 176 -5.40 35.22 18.93
C ILE D 176 -5.32 34.99 17.44
N GLN D 177 -6.04 33.96 16.97
CA GLN D 177 -5.93 33.61 15.57
C GLN D 177 -6.64 34.69 14.73
N ASN D 178 -7.73 35.20 15.30
CA ASN D 178 -8.51 36.25 14.68
C ASN D 178 -7.65 37.52 14.48
N LEU D 179 -6.94 37.96 15.52
CA LEU D 179 -5.98 39.04 15.35
C LEU D 179 -4.94 38.75 14.28
N HIS D 180 -4.39 37.54 14.30
CA HIS D 180 -3.39 37.17 13.32
C HIS D 180 -3.93 37.34 11.94
N ARG D 181 -5.13 36.86 11.72
CA ARG D 181 -5.74 36.88 10.40
C ARG D 181 -5.96 38.31 9.90
N LYS D 182 -6.47 39.15 10.78
CA LYS D 182 -6.74 40.53 10.46
C LYS D 182 -5.43 41.23 10.16
N HIS D 183 -4.43 41.02 11.01
CA HIS D 183 -3.14 41.61 10.81
C HIS D 183 -2.53 41.20 9.48
N GLN D 184 -2.47 39.90 9.20
CA GLN D 184 -1.93 39.41 7.92
C GLN D 184 -2.72 40.04 6.77
N SER D 185 -4.04 39.92 6.81
CA SER D 185 -4.86 40.52 5.77
C SER D 185 -4.59 42.01 5.58
N GLU D 186 -4.19 42.71 6.64
CA GLU D 186 -3.75 44.11 6.52
C GLU D 186 -2.31 44.24 6.04
N GLY D 187 -1.66 43.14 5.71
CA GLY D 187 -0.29 43.17 5.19
C GLY D 187 0.78 43.40 6.25
N ARG D 188 0.40 43.23 7.52
CA ARG D 188 1.29 43.43 8.64
C ARG D 188 1.85 42.07 9.13
N ALA D 189 3.10 42.06 9.57
CA ALA D 189 3.61 40.93 10.37
C ALA D 189 2.91 40.93 11.72
N SER D 190 2.77 39.77 12.34
CA SER D 190 2.20 39.75 13.69
C SER D 190 2.68 38.61 14.64
N ASP D 191 3.58 39.01 15.55
CA ASP D 191 4.05 38.16 16.65
C ASP D 191 3.29 38.56 17.95
N ILE D 192 2.38 37.67 18.39
CA ILE D 192 1.71 37.77 19.67
C ILE D 192 2.40 36.80 20.66
N MSE D 193 2.58 37.25 21.89
CA MSE D 193 3.17 36.47 22.94
C MSE D 193 2.14 36.11 23.99
O MSE D 193 1.24 36.89 24.27
CB MSE D 193 4.34 37.23 23.57
CG MSE D 193 5.46 37.60 22.60
SE MSE D 193 6.95 38.46 23.54
CE MSE D 193 8.05 36.92 24.03
N VAL D 194 2.27 34.91 24.56
CA VAL D 194 1.44 34.47 25.64
C VAL D 194 2.32 34.09 26.80
N PHE D 195 2.13 34.75 27.93
CA PHE D 195 2.83 34.36 29.16
C PHE D 195 1.83 33.69 30.09
N ALA D 196 2.04 32.42 30.37
CA ALA D 196 1.13 31.69 31.26
C ALA D 196 1.83 30.52 31.97
N HIS D 197 1.18 29.34 31.94
CA HIS D 197 1.52 28.29 32.87
C HIS D 197 1.79 26.96 32.24
N GLY D 198 2.34 26.05 33.04
CA GLY D 198 2.81 24.74 32.60
C GLY D 198 1.71 23.88 32.05
N HIS D 199 0.65 23.66 32.83
CA HIS D 199 -0.45 22.87 32.27
C HIS D 199 -1.12 23.63 31.18
N ALA D 200 -1.39 24.90 31.42
CA ALA D 200 -2.24 25.61 30.45
C ALA D 200 -1.58 25.68 29.08
N LEU D 201 -0.27 25.97 29.06
CA LEU D 201 0.42 26.20 27.83
C LEU D 201 0.60 24.89 27.07
N ARG D 202 1.10 23.84 27.71
CA ARG D 202 1.13 22.53 27.00
C ARG D 202 -0.28 22.23 26.43
N TYR D 203 -1.32 22.46 27.23
CA TYR D 203 -2.72 22.36 26.78
C TYR D 203 -2.99 23.22 25.54
N PHE D 204 -2.64 24.51 25.63
CA PHE D 204 -2.81 25.49 24.60
C PHE D 204 -2.12 25.03 23.28
N ALA D 205 -0.88 24.58 23.42
CA ALA D 205 -0.11 24.15 22.24
C ALA D 205 -0.76 22.94 21.64
N ALA D 206 -1.29 22.07 22.50
CA ALA D 206 -1.89 20.82 22.08
C ALA D 206 -3.03 21.12 21.12
N ILE D 207 -3.94 22.01 21.56
CA ILE D 207 -5.09 22.31 20.75
C ILE D 207 -4.73 23.17 19.56
N TRP D 208 -3.74 24.02 19.71
CA TRP D 208 -3.30 24.86 18.61
C TRP D 208 -3.20 24.06 17.34
N PHE D 209 -2.46 22.94 17.42
CA PHE D 209 -2.24 22.14 16.21
C PHE D 209 -3.04 20.84 16.08
N GLY D 210 -4.13 20.69 16.85
CA GLY D 210 -5.13 19.69 16.51
C GLY D 210 -5.30 18.46 17.37
N LEU D 211 -4.57 18.37 18.48
CA LEU D 211 -4.74 17.24 19.36
C LEU D 211 -6.07 17.32 20.12
N GLY D 212 -6.52 16.18 20.68
CA GLY D 212 -7.71 16.14 21.53
C GLY D 212 -8.98 16.05 20.70
N VAL D 213 -10.13 16.44 21.28
CA VAL D 213 -11.42 16.31 20.58
C VAL D 213 -12.25 17.62 20.39
N GLN D 214 -12.91 17.72 19.23
CA GLN D 214 -13.86 18.78 18.89
C GLN D 214 -15.21 18.56 19.60
N LYS D 215 -15.70 19.58 20.29
CA LYS D 215 -16.96 19.51 20.97
C LYS D 215 -17.75 20.79 20.70
N LYS D 216 -19.01 20.63 20.30
CA LYS D 216 -19.89 21.77 20.07
C LYS D 216 -20.20 22.53 21.38
N CYS D 217 -20.39 23.83 21.27
CA CYS D 217 -20.77 24.66 22.41
C CYS D 217 -22.28 24.57 22.64
N GLU D 218 -22.68 23.90 23.72
CA GLU D 218 -24.09 23.65 23.98
C GLU D 218 -24.63 24.13 25.33
N THR D 219 -23.92 23.81 26.41
CA THR D 219 -24.30 24.24 27.77
C THR D 219 -24.21 25.78 27.94
N ILE D 220 -24.80 26.33 29.00
CA ILE D 220 -24.78 27.78 29.22
C ILE D 220 -23.34 28.28 29.31
N GLU D 221 -22.49 27.55 30.05
CA GLU D 221 -21.05 27.83 30.20
C GLU D 221 -20.40 27.89 28.82
N GLU D 222 -20.69 26.88 28.02
CA GLU D 222 -20.08 26.66 26.70
C GLU D 222 -20.36 27.77 25.66
N ILE D 223 -21.31 28.66 25.97
CA ILE D 223 -21.79 29.64 24.99
C ILE D 223 -21.59 31.10 25.43
N GLN D 224 -21.56 31.33 26.74
CA GLN D 224 -21.58 32.69 27.30
C GLN D 224 -20.22 33.41 27.27
N ASN D 225 -20.26 34.73 27.32
CA ASN D 225 -19.07 35.56 27.41
C ASN D 225 -18.74 35.84 28.87
N VAL D 226 -17.74 35.11 29.38
CA VAL D 226 -17.39 35.17 30.78
C VAL D 226 -16.65 36.48 31.14
N LYS D 227 -16.38 37.28 30.10
CA LYS D 227 -15.61 38.51 30.16
C LYS D 227 -14.35 38.36 31.03
N SER D 228 -13.32 37.79 30.38
CA SER D 228 -12.11 37.33 31.04
C SER D 228 -10.94 38.30 30.86
N TYR D 229 -11.13 39.26 29.96
CA TYR D 229 -10.19 40.35 29.73
C TYR D 229 -10.96 41.62 29.50
N ASP D 230 -10.28 42.73 29.66
CA ASP D 230 -10.86 44.03 29.46
C ASP D 230 -10.01 44.85 28.49
N ASP D 231 -10.24 44.69 27.18
CA ASP D 231 -9.48 45.45 26.13
C ASP D 231 -10.27 45.52 24.81
N ASP D 232 -10.79 46.70 24.52
CA ASP D 232 -11.68 46.91 23.38
C ASP D 232 -11.07 46.58 22.05
N THR D 233 -9.76 46.65 21.96
CA THR D 233 -9.09 46.36 20.71
C THR D 233 -8.87 44.86 20.45
N VAL D 234 -9.26 44.03 21.40
CA VAL D 234 -9.27 42.60 21.15
C VAL D 234 -10.73 42.12 20.89
N PRO D 235 -11.08 41.86 19.63
CA PRO D 235 -12.43 41.36 19.46
C PRO D 235 -12.72 40.05 20.20
N TYR D 236 -13.92 39.92 20.72
CA TYR D 236 -14.35 38.65 21.26
C TYR D 236 -14.75 37.70 20.14
N VAL D 237 -14.29 36.46 20.20
CA VAL D 237 -14.78 35.46 19.26
C VAL D 237 -15.82 34.49 19.92
N LYS D 238 -17.07 34.54 19.45
CA LYS D 238 -18.11 33.62 19.87
C LYS D 238 -17.95 32.25 19.17
N LEU D 239 -17.53 31.22 19.92
CA LEU D 239 -17.25 29.91 19.33
C LEU D 239 -18.46 29.02 19.02
N GLU D 240 -18.38 28.35 17.87
CA GLU D 240 -19.39 27.37 17.46
C GLU D 240 -19.14 26.13 18.27
N SER D 241 -17.88 25.74 18.28
CA SER D 241 -17.43 24.57 18.99
C SER D 241 -16.09 24.91 19.59
N TYR D 242 -15.54 23.99 20.35
CA TYR D 242 -14.27 24.22 21.01
C TYR D 242 -13.47 22.92 21.09
N ARG D 243 -12.26 23.02 21.63
CA ARG D 243 -11.41 21.86 21.79
C ARG D 243 -11.07 21.56 23.22
N HIS D 244 -11.01 20.28 23.55
CA HIS D 244 -10.42 19.84 24.80
C HIS D 244 -9.65 18.53 24.56
N LEU D 245 -8.75 18.22 25.47
CA LEU D 245 -7.95 17.01 25.45
C LEU D 245 -8.67 15.92 26.24
N VAL D 246 -8.28 14.68 26.01
CA VAL D 246 -8.76 13.58 26.83
C VAL D 246 -7.56 12.81 27.37
N ASP D 247 -6.37 13.14 26.89
CA ASP D 247 -5.14 12.48 27.34
C ASP D 247 -3.89 13.40 27.28
N ASN D 248 -2.78 12.89 27.80
CA ASN D 248 -1.56 13.63 27.91
C ASN D 248 -1.01 14.01 26.49
N PRO D 249 -0.84 15.33 26.21
CA PRO D 249 -0.26 15.69 24.89
C PRO D 249 1.21 15.31 24.75
N CYS D 250 1.89 15.11 25.87
CA CYS D 250 3.32 14.74 25.90
C CYS D 250 4.28 15.88 25.57
N PHE D 251 3.96 17.08 26.02
CA PHE D 251 4.85 18.18 25.91
C PHE D 251 5.70 18.29 27.19
N LEU D 252 6.93 18.70 27.04
CA LEU D 252 7.73 19.06 28.21
C LEU D 252 7.88 20.61 28.29
N LEU D 253 7.65 21.19 29.46
CA LEU D 253 7.69 22.64 29.58
C LEU D 253 8.09 23.11 30.98
N ASP D 254 9.38 23.38 31.13
CA ASP D 254 9.95 23.95 32.33
C ASP D 254 9.56 25.44 32.47
N ALA D 255 9.76 25.98 33.68
CA ALA D 255 9.65 27.40 33.93
C ALA D 255 10.61 28.09 32.93
N GLY D 256 10.16 29.21 32.38
CA GLY D 256 10.86 29.87 31.29
C GLY D 256 10.96 29.14 29.94
N GLY D 257 10.25 28.02 29.78
CA GLY D 257 10.24 27.32 28.49
C GLY D 257 9.45 28.14 27.50
N ILE D 258 9.74 27.94 26.24
CA ILE D 258 9.21 28.72 25.15
C ILE D 258 8.72 27.73 24.11
N GLY D 259 7.51 27.92 23.61
CA GLY D 259 7.09 27.21 22.41
C GLY D 259 6.69 28.24 21.36
N VAL D 260 6.82 27.83 20.10
CA VAL D 260 6.50 28.69 18.97
C VAL D 260 5.38 28.07 18.15
N LEU D 261 4.23 28.75 18.15
CA LEU D 261 3.03 28.27 17.45
C LEU D 261 2.84 29.11 16.22
N SER D 262 2.29 28.52 15.16
CA SER D 262 2.23 29.20 13.89
C SER D 262 1.36 28.48 12.81
N TYR D 263 1.71 28.63 11.53
CA TYR D 263 0.86 28.20 10.42
C TYR D 263 1.60 27.62 9.22
N ALA D 264 1.05 26.58 8.66
CA ALA D 264 1.61 25.99 7.45
C ALA D 264 1.15 26.87 6.31
N HIS D 265 2.03 26.99 5.31
CA HIS D 265 1.73 27.64 4.01
C HIS D 265 1.17 29.03 4.13
N HIS D 266 1.58 29.73 5.18
CA HIS D 266 1.13 31.09 5.46
C HIS D 266 -0.36 31.18 5.62
N ASN D 267 -0.98 30.03 5.86
CA ASN D 267 -2.41 29.92 5.92
C ASN D 267 -2.88 29.86 7.37
N ILE D 268 -3.52 30.92 7.78
CA ILE D 268 -3.99 30.99 9.15
C ILE D 268 -5.02 29.88 9.46
N ASP D 269 -5.56 29.25 8.40
CA ASP D 269 -6.41 28.09 8.56
C ASP D 269 -5.72 26.79 8.87
N GLU D 270 -4.41 26.74 8.69
CA GLU D 270 -3.65 25.50 8.97
C GLU D 270 -2.72 25.75 10.18
N PRO D 271 -3.29 25.75 11.39
CA PRO D 271 -2.48 25.98 12.60
C PRO D 271 -1.40 24.93 12.70
N ALA D 272 -0.21 25.28 13.18
CA ALA D 272 0.91 24.36 13.22
C ALA D 272 1.82 24.73 14.39
N LEU D 273 2.55 23.74 14.90
CA LEU D 273 3.57 24.01 15.89
C LEU D 273 4.91 24.12 15.16
N GLU D 274 5.64 25.22 15.37
CA GLU D 274 6.93 25.42 14.74
C GLU D 274 8.06 24.80 15.57
N LEU D 275 8.92 24.05 14.92
CA LEU D 275 10.19 23.67 15.49
C LEU D 275 11.13 24.81 15.06
N ALA D 276 11.25 25.81 15.93
CA ALA D 276 11.91 27.06 15.55
C ALA D 276 13.36 27.03 15.86
N GLY D 277 14.16 27.31 14.84
CA GLY D 277 15.55 27.65 15.06
C GLY D 277 15.76 29.05 15.64
N PRO D 278 17.02 29.44 15.85
CA PRO D 278 17.33 30.76 16.44
C PRO D 278 16.86 31.94 15.60
N PHE D 279 16.71 31.79 14.29
CA PHE D 279 16.13 32.91 13.53
C PHE D 279 15.22 32.54 12.37
N VAL D 280 14.27 33.45 12.16
CA VAL D 280 13.29 33.35 11.13
C VAL D 280 13.85 33.75 9.78
N SER D 281 13.47 33.03 8.75
CA SER D 281 13.89 33.41 7.42
C SER D 281 12.82 34.28 6.80
N PRO D 282 13.23 35.32 6.06
CA PRO D 282 12.27 36.12 5.29
C PRO D 282 11.53 35.22 4.29
N PRO D 283 10.28 35.56 3.95
CA PRO D 283 9.42 34.87 3.00
C PRO D 283 10.21 34.30 1.83
N GLU D 284 11.00 35.16 1.19
CA GLU D 284 11.68 34.74 -0.03
C GLU D 284 12.92 33.90 0.19
N GLU D 285 13.27 33.66 1.46
CA GLU D 285 14.33 32.70 1.77
C GLU D 285 13.81 31.45 2.49
N GLU D 286 12.52 31.40 2.82
CA GLU D 286 11.95 30.24 3.47
C GLU D 286 12.01 28.97 2.63
N SER D 287 12.05 27.81 3.28
CA SER D 287 11.91 26.51 2.60
C SER D 287 10.67 25.74 3.06
N GLN D 288 9.59 25.88 2.30
CA GLN D 288 8.41 25.07 2.49
C GLN D 288 7.78 24.69 1.15
N HIS D 289 7.15 23.52 1.11
CA HIS D 289 6.45 23.10 -0.07
C HIS D 289 5.19 23.92 -0.22
N GLY D 290 4.66 24.02 -1.43
CA GLY D 290 3.37 24.65 -1.65
C GLY D 290 2.26 23.85 -1.01
N ASP D 291 1.13 24.50 -0.77
CA ASP D 291 -0.03 23.87 -0.21
C ASP D 291 -0.80 22.98 -1.19
N VAL D 292 -1.66 22.16 -0.60
CA VAL D 292 -2.92 21.61 -1.16
C VAL D 292 -2.70 20.12 -1.43
P PO4 E . -20.84 -8.69 -17.30
O1 PO4 E . -21.88 -8.89 -18.36
O2 PO4 E . -21.51 -8.12 -16.07
O3 PO4 E . -20.20 -10.02 -16.98
O4 PO4 E . -19.69 -7.90 -17.86
P PO4 F . 5.74 -30.11 -14.61
O1 PO4 F . 4.94 -29.88 -15.87
O2 PO4 F . 5.85 -31.60 -14.60
O3 PO4 F . 7.08 -29.39 -14.86
O4 PO4 F . 4.99 -29.70 -13.33
P PO4 G . -13.06 -7.08 -23.64
O1 PO4 G . -14.53 -7.40 -23.44
O2 PO4 G . -12.13 -8.32 -23.69
O3 PO4 G . -13.03 -6.49 -25.02
O4 PO4 G . -12.56 -6.16 -22.54
P PO4 H . 3.74 -36.73 -22.22
O1 PO4 H . 2.57 -35.88 -21.80
O2 PO4 H . 3.54 -38.13 -21.62
O3 PO4 H . 3.79 -36.86 -23.72
O4 PO4 H . 4.91 -35.96 -21.64
P PO4 I . 4.60 20.29 3.54
O1 PO4 I . 3.71 21.14 2.70
O2 PO4 I . 3.97 20.22 4.93
O3 PO4 I . 4.61 18.84 3.16
O4 PO4 I . 5.88 21.14 3.48
P PO4 J . 3.27 16.83 34.80
O1 PO4 J . 2.16 17.22 33.84
O2 PO4 J . 2.81 17.64 35.94
O3 PO4 J . 3.30 15.37 35.12
O4 PO4 J . 4.70 17.24 34.50
P PO4 K . 14.52 18.60 2.42
O1 PO4 K . 13.21 18.00 1.95
O2 PO4 K . 14.72 18.23 3.88
O3 PO4 K . 15.70 18.07 1.73
O4 PO4 K . 14.55 20.08 2.26
P PO4 L . 2.47 26.81 36.99
O1 PO4 L . 1.89 28.16 37.35
O2 PO4 L . 1.55 25.57 36.90
O3 PO4 L . 2.98 27.09 35.62
O4 PO4 L . 3.60 26.60 37.98
#